data_3BZ8
#
_entry.id   3BZ8
#
_cell.length_a   88.013
_cell.length_b   147.772
_cell.length_c   153.390
_cell.angle_alpha   90.00
_cell.angle_beta   90.00
_cell.angle_gamma   90.00
#
_symmetry.space_group_name_H-M   'C 2 2 21'
#
loop_
_entity.id
_entity.type
_entity.pdbx_description
1 polymer 'Myosin-2 heavy chain, non muscle'
2 non-polymer 'MAGNESIUM ION'
3 non-polymer 'VANADATE ION'
4 non-polymer "ADENOSINE-5'-DIPHOSPHATE"
5 non-polymer 1,2-ETHANEDIOL
6 non-polymer (3aS)-3a-hydroxy-7-methyl-1-phenyl-1,2,3,3a-tetrahydro-4H-pyrrolo[2,3-b]quinolin-4-one
7 water water
#
_entity_poly.entity_id   1
_entity_poly.type   'polypeptide(L)'
_entity_poly.pdbx_seq_one_letter_code
;GNPIHDRTSDYHKYLKVKQGDSDLFKLTVSDKRYIWYNPDPKERDSYECGEIVSETSDSFTFKTVDGQDRQVKKDDANQR
NPIKFDGVEDMSELSYLNEPAVFHNLRVRYNQDLIYTYSGLFLVAVNPFKRIPIYTQEMVDIFKGRRRNEVAPHIFAISD
VAYRSMLDDRQNQSLLITGESGAGKTENTKKVIQYLASVAGRNQANGSGVLEQQILQANPILEAFGNAKTTRNNNSSRFG
KFIEIQFNSAGFISGASIQSYLLEKSRVVFQSETERNYHIFYQLLAGATAEEKKALHLAGPESFNYLNQSGCVDIKGVSD
SEEFKITRQAMDIVGFSQEEQMSIFKIIAGILHLGNIKFEKGAGEGAVLKDKTALNAASTVFGVNPSVLEKALMEPRILA
GRDLVAQHLNVEKSSSSRDALVKALYGRLFLWLVKKINNVLCQERKAYFIGVLDISGFEIFKVNSFEQLCINYTNEKLQQ
FFNHHMFKLEQEEYLKEKINWTFIDFGLDSQATIDLIDGRQPPGILALLDEQSVFPNATDNTLITKLHSHFSKKNAKYEE
PRFSKTEFGVTHYAGQVMYEIQDWLEKNKDPLQQDLELCFKDSSDNVVTKLFNDPNIASRAKKGANFITVAAQYKEQLAS
LMATLETTNPHFVRCIIPNNKQLPAKLEDKVVLDQLRCNGVLEGIRITRKGFPNRIIYADFVKRYYLLAPNVPRDAEDSQ
KATDAVLKHLNIDPEQYRFGITKIFFRAGQLARIEEARELPN
;
_entity_poly.pdbx_strand_id   A
#
loop_
_chem_comp.id
_chem_comp.type
_chem_comp.name
_chem_comp.formula
ADP non-polymer ADENOSINE-5'-DIPHOSPHATE 'C10 H15 N5 O10 P2'
BL6 non-polymer (3aS)-3a-hydroxy-7-methyl-1-phenyl-1,2,3,3a-tetrahydro-4H-pyrrolo[2,3-b]quinolin-4-one 'C18 H16 N2 O2'
EDO non-polymer 1,2-ETHANEDIOL 'C2 H6 O2'
MG non-polymer 'MAGNESIUM ION' 'Mg 2'
VO4 non-polymer 'VANADATE ION' 'O4 V -3'
#
# COMPACT_ATOMS: atom_id res chain seq x y z
N ASN A 2 -10.73 0.11 -37.26
CA ASN A 2 -9.86 -0.34 -36.10
C ASN A 2 -9.13 0.87 -35.49
N PRO A 3 -9.59 1.35 -34.30
CA PRO A 3 -9.00 2.54 -33.61
C PRO A 3 -7.46 2.48 -33.47
N ILE A 4 -6.93 1.27 -33.30
CA ILE A 4 -5.50 1.02 -33.11
C ILE A 4 -4.69 1.58 -34.29
N HIS A 5 -5.35 1.69 -35.45
CA HIS A 5 -4.68 2.06 -36.69
C HIS A 5 -5.11 3.42 -37.18
N ASP A 6 -6.15 3.94 -36.54
CA ASP A 6 -6.67 5.23 -36.90
C ASP A 6 -6.10 6.31 -35.97
N ARG A 7 -5.20 7.16 -36.51
CA ARG A 7 -4.55 8.25 -35.73
C ARG A 7 -5.52 9.29 -35.15
N THR A 8 -6.76 9.19 -35.59
CA THR A 8 -7.83 10.12 -35.16
C THR A 8 -8.56 9.63 -33.86
N SER A 9 -8.36 8.37 -33.52
CA SER A 9 -9.09 7.78 -32.39
C SER A 9 -8.77 8.46 -31.02
N ASP A 10 -9.64 8.21 -30.03
CA ASP A 10 -9.32 8.58 -28.65
C ASP A 10 -8.15 7.73 -28.14
N TYR A 11 -8.02 6.53 -28.69
CA TYR A 11 -6.91 5.69 -28.42
C TYR A 11 -5.56 6.23 -28.92
N HIS A 12 -5.53 6.76 -30.13
CA HIS A 12 -4.29 7.38 -30.69
C HIS A 12 -3.96 8.69 -29.98
N LYS A 13 -5.02 9.43 -29.69
CA LYS A 13 -4.91 10.67 -28.94
C LYS A 13 -4.28 10.43 -27.53
N TYR A 14 -4.77 9.45 -26.76
CA TYR A 14 -4.45 9.43 -25.33
C TYR A 14 -3.45 8.37 -24.89
N LEU A 15 -3.17 7.40 -25.76
CA LEU A 15 -2.26 6.27 -25.52
C LEU A 15 -1.03 6.16 -26.42
N LYS A 16 -0.97 6.99 -27.47
CA LYS A 16 0.13 6.82 -28.40
C LYS A 16 0.99 8.06 -28.47
N VAL A 17 2.29 7.88 -28.80
CA VAL A 17 3.15 9.04 -29.01
C VAL A 17 2.65 9.81 -30.24
N LYS A 18 2.52 11.12 -30.03
CA LYS A 18 2.12 12.05 -31.04
C LYS A 18 3.19 12.15 -32.18
N GLN A 19 2.69 12.21 -33.40
CA GLN A 19 3.50 12.37 -34.63
C GLN A 19 4.48 13.56 -34.55
N GLY A 20 5.77 13.31 -34.68
CA GLY A 20 6.72 14.44 -34.68
C GLY A 20 6.66 15.22 -35.99
N ASP A 21 7.22 16.43 -36.01
CA ASP A 21 7.19 17.24 -37.21
C ASP A 21 8.48 17.19 -38.03
N SER A 22 8.53 17.97 -39.12
CA SER A 22 9.72 18.03 -39.98
C SER A 22 10.94 18.55 -39.26
N ASP A 23 10.76 19.48 -38.35
CA ASP A 23 11.86 19.93 -37.48
C ASP A 23 12.42 18.76 -36.62
N LEU A 24 11.49 17.97 -36.06
CA LEU A 24 11.88 16.80 -35.28
C LEU A 24 12.55 15.76 -36.18
N PHE A 25 12.00 15.57 -37.38
CA PHE A 25 12.61 14.63 -38.35
C PHE A 25 14.09 14.93 -38.56
N LYS A 26 14.40 16.22 -38.80
CA LYS A 26 15.76 16.68 -39.03
C LYS A 26 16.65 16.34 -37.89
N LEU A 27 16.10 16.48 -36.66
CA LEU A 27 16.86 16.21 -35.44
C LEU A 27 17.11 14.73 -35.30
N THR A 28 16.14 13.94 -35.74
CA THR A 28 16.17 12.48 -35.64
C THR A 28 17.14 11.81 -36.59
N VAL A 29 17.39 12.42 -37.77
CA VAL A 29 18.34 11.88 -38.78
C VAL A 29 19.75 12.50 -38.58
N SER A 30 19.89 13.42 -37.61
CA SER A 30 21.20 13.98 -37.25
C SER A 30 22.29 12.90 -37.00
N ASP A 31 23.52 13.24 -37.39
CA ASP A 31 24.71 12.40 -37.19
C ASP A 31 25.33 12.66 -35.80
N LYS A 32 24.92 13.74 -35.14
CA LYS A 32 25.43 14.10 -33.81
C LYS A 32 25.03 13.08 -32.72
N ARG A 33 25.87 12.98 -31.70
CA ARG A 33 25.72 12.01 -30.64
C ARG A 33 25.81 12.78 -29.35
N TYR A 34 25.12 12.31 -28.30
CA TYR A 34 24.97 13.05 -27.05
C TYR A 34 25.22 12.20 -25.80
N ILE A 35 25.35 12.89 -24.67
CA ILE A 35 25.74 12.28 -23.39
C ILE A 35 24.84 12.97 -22.34
N TRP A 36 24.35 12.18 -21.38
CA TRP A 36 23.71 12.69 -20.19
C TRP A 36 24.82 12.89 -19.14
N TYR A 37 24.91 14.08 -18.61
CA TYR A 37 25.99 14.39 -17.67
C TYR A 37 25.45 15.24 -16.49
N ASN A 38 26.20 15.29 -15.39
CA ASN A 38 25.85 16.14 -14.21
C ASN A 38 26.57 17.50 -14.22
N PRO A 39 25.84 18.61 -14.48
CA PRO A 39 26.42 19.95 -14.34
C PRO A 39 27.14 20.10 -12.99
N ASP A 40 26.49 19.61 -11.92
CA ASP A 40 27.05 19.60 -10.56
C ASP A 40 27.25 18.15 -10.14
N PRO A 41 28.52 17.72 -9.92
CA PRO A 41 28.81 16.27 -9.64
C PRO A 41 28.38 15.81 -8.25
N LYS A 42 28.02 16.76 -7.40
CA LYS A 42 27.48 16.46 -6.07
C LYS A 42 26.00 16.11 -6.20
N GLU A 43 25.37 16.51 -7.31
CA GLU A 43 23.96 16.27 -7.61
C GLU A 43 23.80 15.32 -8.80
N ARG A 44 23.98 14.04 -8.49
CA ARG A 44 24.04 12.99 -9.43
C ARG A 44 22.74 12.69 -10.21
N ASP A 45 21.60 13.21 -9.72
CA ASP A 45 20.31 13.00 -10.35
C ASP A 45 19.82 14.13 -11.23
N SER A 46 20.54 15.22 -11.23
CA SER A 46 20.19 16.31 -12.13
C SER A 46 21.15 16.28 -13.38
N TYR A 47 20.56 16.04 -14.55
CA TYR A 47 21.35 15.80 -15.75
C TYR A 47 21.04 16.82 -16.78
N GLU A 48 22.05 17.14 -17.60
CA GLU A 48 21.78 17.89 -18.81
C GLU A 48 22.26 16.99 -19.95
N CYS A 49 21.82 17.32 -21.17
CA CYS A 49 22.31 16.69 -22.39
C CYS A 49 23.55 17.46 -22.97
N GLY A 50 24.61 16.75 -23.30
CA GLY A 50 25.82 17.40 -23.84
C GLY A 50 26.26 16.77 -25.15
N GLU A 51 26.52 17.61 -26.15
CA GLU A 51 27.00 17.07 -27.44
C GLU A 51 28.41 16.46 -27.37
N ILE A 52 28.56 15.20 -27.78
CA ILE A 52 29.87 14.63 -27.87
C ILE A 52 30.63 15.26 -29.05
N VAL A 53 31.78 15.89 -28.76
CA VAL A 53 32.54 16.63 -29.82
C VAL A 53 33.77 15.92 -30.36
N SER A 54 34.41 15.11 -29.53
CA SER A 54 35.51 14.30 -29.97
C SER A 54 35.54 13.01 -29.11
N GLU A 55 36.40 12.06 -29.48
CA GLU A 55 36.60 10.87 -28.69
C GLU A 55 38.03 10.38 -28.85
N THR A 56 38.53 9.68 -27.82
CA THR A 56 39.79 8.92 -27.89
C THR A 56 39.35 7.51 -27.73
N SER A 57 40.31 6.59 -27.66
CA SER A 57 40.01 5.15 -27.46
C SER A 57 39.24 4.85 -26.17
N ASP A 58 39.35 5.71 -25.16
CA ASP A 58 38.73 5.47 -23.86
C ASP A 58 38.03 6.69 -23.23
N SER A 59 37.82 7.77 -23.98
CA SER A 59 37.17 8.98 -23.46
C SER A 59 36.24 9.69 -24.49
N PHE A 60 35.29 10.49 -24.00
CA PHE A 60 34.47 11.29 -24.86
C PHE A 60 34.75 12.67 -24.31
N THR A 61 34.70 13.66 -25.20
CA THR A 61 34.71 15.06 -24.85
C THR A 61 33.38 15.55 -25.37
N PHE A 62 32.63 16.24 -24.51
CA PHE A 62 31.35 16.80 -24.89
C PHE A 62 31.29 18.30 -24.43
N LYS A 63 30.40 19.10 -25.01
CA LYS A 63 30.07 20.42 -24.53
C LYS A 63 29.02 20.37 -23.40
N THR A 64 29.13 21.32 -22.47
CA THR A 64 28.16 21.49 -21.40
C THR A 64 27.20 22.59 -21.81
N VAL A 65 25.98 22.58 -21.24
CA VAL A 65 24.88 23.45 -21.70
C VAL A 65 25.25 24.94 -21.69
N ASP A 66 26.01 25.35 -20.67
CA ASP A 66 26.46 26.72 -20.56
C ASP A 66 27.59 27.06 -21.56
N GLN A 68 31.21 25.45 -21.92
CA GLN A 68 32.47 24.79 -21.53
C GLN A 68 32.58 23.41 -22.26
N ASP A 69 33.68 22.68 -22.05
CA ASP A 69 33.88 21.33 -22.60
C ASP A 69 34.45 20.39 -21.54
N ARG A 70 33.98 19.15 -21.52
CA ARG A 70 34.39 18.18 -20.50
C ARG A 70 34.67 16.84 -21.10
N GLN A 71 35.52 16.08 -20.43
CA GLN A 71 35.94 14.75 -20.83
C GLN A 71 35.43 13.76 -19.79
N VAL A 72 35.26 12.51 -20.22
CA VAL A 72 34.71 11.42 -19.38
C VAL A 72 35.18 10.09 -19.96
N LYS A 73 35.61 9.18 -19.08
CA LYS A 73 35.91 7.83 -19.50
C LYS A 73 34.67 7.24 -20.18
N LYS A 74 34.88 6.55 -21.29
CA LYS A 74 33.79 5.88 -21.97
C LYS A 74 33.05 4.87 -21.05
N ASP A 75 33.80 4.35 -20.07
CA ASP A 75 33.32 3.45 -19.03
C ASP A 75 32.32 4.14 -18.08
N ASP A 76 32.52 5.41 -17.77
CA ASP A 76 31.59 6.11 -16.89
C ASP A 76 30.52 6.89 -17.62
N ALA A 77 30.46 6.74 -18.95
CA ALA A 77 29.62 7.61 -19.80
C ALA A 77 28.16 7.17 -19.76
N ASN A 78 27.25 8.11 -19.52
CA ASN A 78 25.83 7.85 -19.73
C ASN A 78 25.38 8.41 -21.13
N GLN A 79 25.49 7.59 -22.17
CA GLN A 79 25.15 8.02 -23.56
C GLN A 79 23.68 8.17 -23.69
N ARG A 80 23.30 9.21 -24.43
CA ARG A 80 21.94 9.46 -24.73
C ARG A 80 21.56 8.53 -25.89
N ASN A 81 20.40 7.90 -25.78
CA ASN A 81 19.87 7.17 -26.91
C ASN A 81 19.62 8.03 -28.16
N PRO A 82 19.83 7.42 -29.35
CA PRO A 82 19.32 8.08 -30.54
C PRO A 82 17.88 8.57 -30.25
N ILE A 83 17.54 9.81 -30.61
CA ILE A 83 16.22 10.34 -30.24
C ILE A 83 14.97 9.65 -30.85
N LYS A 84 15.18 8.76 -31.81
CA LYS A 84 14.07 7.94 -32.35
C LYS A 84 13.51 7.04 -31.25
N PHE A 85 14.32 6.79 -30.21
CA PHE A 85 13.88 5.97 -29.06
C PHE A 85 13.05 6.73 -28.06
N ASP A 86 13.00 8.06 -28.17
CA ASP A 86 12.32 8.84 -27.18
C ASP A 86 10.81 8.62 -27.33
N GLY A 87 10.20 7.99 -26.31
CA GLY A 87 8.77 7.68 -26.31
C GLY A 87 8.58 6.20 -26.44
N VAL A 88 9.66 5.46 -26.60
CA VAL A 88 9.54 4.02 -26.87
C VAL A 88 8.66 3.32 -25.78
N GLU A 89 7.87 2.34 -26.22
CA GLU A 89 6.82 1.77 -25.37
C GLU A 89 7.32 0.71 -24.41
N ASP A 90 8.38 0.04 -24.81
CA ASP A 90 9.09 -0.89 -24.01
C ASP A 90 10.56 -0.52 -23.99
N MET A 91 11.09 -0.20 -22.80
CA MET A 91 12.46 0.29 -22.64
C MET A 91 13.53 -0.74 -22.73
N SER A 92 13.17 -2.02 -22.75
CA SER A 92 14.19 -3.01 -23.06
C SER A 92 14.67 -2.89 -24.51
N GLU A 93 13.93 -2.16 -25.34
CA GLU A 93 14.40 -1.81 -26.69
C GLU A 93 15.48 -0.75 -26.74
N LEU A 94 15.69 0.01 -25.66
CA LEU A 94 16.71 1.10 -25.70
C LEU A 94 18.12 0.63 -26.06
N SER A 95 18.91 1.38 -26.85
CA SER A 95 20.31 0.91 -27.05
C SER A 95 21.16 1.09 -25.81
N TYR A 96 21.00 2.23 -25.15
CA TYR A 96 21.74 2.58 -23.93
C TYR A 96 20.80 2.46 -22.72
N LEU A 97 21.12 1.52 -21.85
CA LEU A 97 20.33 1.23 -20.66
C LEU A 97 21.10 1.89 -19.48
N ASN A 98 20.75 3.12 -19.13
CA ASN A 98 21.40 3.73 -18.00
C ASN A 98 20.36 4.62 -17.32
N GLU A 99 20.66 5.20 -16.13
CA GLU A 99 19.63 5.90 -15.37
C GLU A 99 19.04 7.10 -16.03
N PRO A 100 19.90 8.04 -16.48
CA PRO A 100 19.24 9.17 -17.12
C PRO A 100 18.49 8.84 -18.46
N ALA A 101 18.92 7.81 -19.20
CA ALA A 101 18.24 7.40 -20.45
C ALA A 101 16.84 6.84 -20.13
N VAL A 102 16.76 5.97 -19.11
CA VAL A 102 15.50 5.36 -18.72
C VAL A 102 14.57 6.42 -18.19
N PHE A 103 15.10 7.27 -17.33
CA PHE A 103 14.30 8.38 -16.83
C PHE A 103 13.82 9.26 -17.96
N HIS A 104 14.73 9.58 -18.91
CA HIS A 104 14.36 10.52 -19.99
C HIS A 104 13.17 9.92 -20.79
N ASN A 105 13.23 8.61 -21.05
CA ASN A 105 12.15 7.98 -21.77
C ASN A 105 10.81 8.12 -21.01
N LEU A 106 10.83 7.93 -19.69
CA LEU A 106 9.61 8.08 -18.87
C LEU A 106 9.16 9.54 -18.94
N ARG A 107 10.13 10.45 -18.92
CA ARG A 107 9.88 11.89 -18.97
CA ARG A 107 9.84 11.87 -18.97
C ARG A 107 9.15 12.27 -20.26
N VAL A 108 9.63 11.73 -21.37
CA VAL A 108 9.06 12.07 -22.70
C VAL A 108 7.63 11.61 -22.71
N ARG A 109 7.38 10.39 -22.21
CA ARG A 109 6.03 9.83 -22.27
C ARG A 109 5.12 10.62 -21.34
N TYR A 110 5.58 10.87 -20.11
CA TYR A 110 4.79 11.64 -19.10
C TYR A 110 4.38 13.03 -19.54
N ASN A 111 5.31 13.75 -20.18
CA ASN A 111 5.07 15.10 -20.77
C ASN A 111 3.92 15.07 -21.75
N GLN A 112 3.66 13.90 -22.36
CA GLN A 112 2.46 13.72 -23.18
C GLN A 112 1.36 12.95 -22.49
N ASP A 113 1.43 12.78 -21.16
CA ASP A 113 0.38 12.07 -20.44
C ASP A 113 0.31 10.58 -20.78
N LEU A 114 1.46 10.05 -21.18
CA LEU A 114 1.62 8.64 -21.36
C LEU A 114 2.32 8.09 -20.10
N ILE A 115 1.49 7.56 -19.20
CA ILE A 115 1.91 7.24 -17.81
C ILE A 115 2.33 5.79 -17.74
N TYR A 116 1.95 4.99 -18.75
CA TYR A 116 2.31 3.56 -18.79
C TYR A 116 3.42 3.35 -19.76
N THR A 117 4.43 2.60 -19.34
CA THR A 117 5.54 2.26 -20.13
C THR A 117 5.96 0.89 -19.64
N TYR A 118 6.26 -0.04 -20.56
CA TYR A 118 6.90 -1.32 -20.20
C TYR A 118 8.38 -1.18 -20.02
N SER A 119 8.91 -2.07 -19.23
CA SER A 119 10.25 -2.01 -18.89
C SER A 119 10.68 -3.48 -18.80
N GLY A 120 10.87 -4.07 -19.97
CA GLY A 120 10.98 -5.51 -20.09
C GLY A 120 9.63 -6.14 -19.84
N LEU A 121 9.62 -7.11 -18.93
CA LEU A 121 8.45 -7.90 -18.58
C LEU A 121 7.34 -7.22 -17.74
N PHE A 122 7.68 -6.14 -17.03
CA PHE A 122 6.72 -5.50 -16.15
C PHE A 122 6.37 -4.10 -16.59
N LEU A 123 5.23 -3.64 -16.16
CA LEU A 123 4.72 -2.35 -16.42
C LEU A 123 5.17 -1.26 -15.36
N VAL A 124 5.57 -0.08 -15.86
CA VAL A 124 5.80 1.08 -14.97
C VAL A 124 4.61 2.04 -15.16
N ALA A 125 4.06 2.60 -14.10
CA ALA A 125 2.94 3.56 -14.11
C ALA A 125 3.38 4.78 -13.32
N VAL A 126 3.45 6.00 -13.93
CA VAL A 126 3.87 7.18 -13.16
C VAL A 126 2.59 7.96 -12.94
N ASN A 127 2.26 8.23 -11.67
CA ASN A 127 1.11 8.97 -11.27
C ASN A 127 0.98 10.33 -11.99
N PRO A 128 -0.13 10.53 -12.76
CA PRO A 128 -0.45 11.84 -13.40
C PRO A 128 -0.87 12.91 -12.44
N PHE A 129 -1.50 12.53 -11.32
CA PHE A 129 -2.20 13.50 -10.46
C PHE A 129 -3.17 14.39 -11.21
N LYS A 130 -3.85 13.78 -12.17
CA LYS A 130 -4.97 14.39 -12.87
C LYS A 130 -5.61 13.28 -13.67
N ARG A 131 -6.86 13.51 -14.06
CA ARG A 131 -7.66 12.57 -14.81
C ARG A 131 -7.21 12.56 -16.25
N ILE A 132 -7.04 11.36 -16.80
CA ILE A 132 -6.70 11.09 -18.18
C ILE A 132 -7.72 10.06 -18.73
N PRO A 133 -8.33 10.35 -19.93
CA PRO A 133 -9.51 9.63 -20.41
C PRO A 133 -9.19 8.29 -21.03
N ILE A 134 -8.51 7.41 -20.28
CA ILE A 134 -8.04 6.16 -20.81
C ILE A 134 -8.67 4.91 -20.20
N TYR A 135 -9.74 5.11 -19.46
CA TYR A 135 -10.32 4.00 -18.70
C TYR A 135 -11.81 3.78 -18.98
N THR A 136 -12.21 4.14 -20.21
CA THR A 136 -13.61 4.03 -20.62
C THR A 136 -13.85 2.60 -21.12
N GLN A 137 -15.13 2.22 -21.20
CA GLN A 137 -15.59 1.02 -21.91
C GLN A 137 -14.98 0.89 -23.29
N GLU A 138 -14.94 1.98 -24.04
CA GLU A 138 -14.30 1.95 -25.37
C GLU A 138 -12.83 1.56 -25.26
N MET A 139 -12.11 2.16 -24.29
CA MET A 139 -10.73 1.71 -23.98
C MET A 139 -10.64 0.23 -23.62
N VAL A 140 -11.51 -0.21 -22.70
CA VAL A 140 -11.61 -1.60 -22.32
C VAL A 140 -11.86 -2.49 -23.53
N ASP A 141 -12.87 -2.15 -24.34
CA ASP A 141 -13.23 -2.97 -25.53
C ASP A 141 -12.03 -3.13 -26.44
N ILE A 142 -11.26 -2.05 -26.53
CA ILE A 142 -10.02 -2.07 -27.32
C ILE A 142 -8.99 -3.10 -26.89
N PHE A 143 -8.81 -3.25 -25.59
CA PHE A 143 -7.70 -4.10 -25.10
C PHE A 143 -8.13 -5.55 -25.06
N LYS A 144 -9.45 -5.76 -25.05
CA LYS A 144 -10.01 -7.11 -24.92
C LYS A 144 -9.41 -8.05 -25.94
N GLY A 145 -8.71 -9.05 -25.44
CA GLY A 145 -8.07 -10.03 -26.26
C GLY A 145 -6.70 -9.73 -26.82
N ARG A 146 -6.22 -8.48 -26.72
CA ARG A 146 -4.94 -8.11 -27.38
C ARG A 146 -3.68 -8.54 -26.63
N ARG A 147 -2.83 -9.27 -27.33
CA ARG A 147 -1.51 -9.58 -26.91
C ARG A 147 -0.76 -8.29 -26.55
N ARG A 148 0.23 -8.39 -25.67
CA ARG A 148 0.85 -7.17 -25.12
C ARG A 148 1.50 -6.29 -26.21
N ASN A 149 2.15 -6.92 -27.20
CA ASN A 149 2.76 -6.19 -28.33
C ASN A 149 1.81 -5.74 -29.47
N GLU A 150 0.51 -6.02 -29.35
CA GLU A 150 -0.46 -5.49 -30.31
C GLU A 150 -1.05 -4.14 -29.88
N VAL A 151 -0.82 -3.69 -28.64
CA VAL A 151 -1.49 -2.47 -28.13
C VAL A 151 -0.52 -1.67 -27.29
N ALA A 152 -0.84 -0.40 -27.00
CA ALA A 152 0.00 0.51 -26.22
C ALA A 152 0.05 0.06 -24.73
N PRO A 153 1.19 0.30 -24.02
CA PRO A 153 1.22 0.01 -22.56
C PRO A 153 -0.03 0.53 -21.85
N HIS A 154 -0.64 -0.33 -21.04
CA HIS A 154 -1.80 0.07 -20.26
C HIS A 154 -1.96 -0.91 -19.12
N ILE A 155 -2.52 -0.47 -17.99
CA ILE A 155 -2.97 -1.39 -16.93
C ILE A 155 -3.95 -2.50 -17.43
N PHE A 156 -4.84 -2.13 -18.37
CA PHE A 156 -5.75 -3.11 -19.05
C PHE A 156 -5.02 -4.21 -19.72
N ALA A 157 -3.96 -3.87 -20.43
CA ALA A 157 -3.18 -4.88 -21.18
C ALA A 157 -2.47 -5.92 -20.30
N ILE A 158 -1.94 -5.48 -19.15
CA ILE A 158 -1.28 -6.42 -18.24
C ILE A 158 -2.38 -7.34 -17.63
N SER A 159 -3.53 -6.73 -17.31
CA SER A 159 -4.69 -7.44 -16.81
C SER A 159 -5.19 -8.52 -17.81
N ASP A 160 -5.24 -8.18 -19.11
CA ASP A 160 -5.71 -9.14 -20.15
C ASP A 160 -4.76 -10.30 -20.22
N VAL A 161 -3.45 -9.99 -20.19
CA VAL A 161 -2.41 -11.00 -20.22
C VAL A 161 -2.50 -11.99 -19.06
N ALA A 162 -2.81 -11.50 -17.84
CA ALA A 162 -2.99 -12.39 -16.69
C ALA A 162 -4.21 -13.29 -16.91
N TYR A 163 -5.26 -12.68 -17.50
CA TYR A 163 -6.51 -13.36 -17.75
C TYR A 163 -6.33 -14.50 -18.76
N ARG A 164 -5.54 -14.28 -19.83
CA ARG A 164 -5.35 -15.30 -20.87
C ARG A 164 -4.40 -16.37 -20.37
N SER A 165 -3.41 -15.95 -19.56
CA SER A 165 -2.54 -16.92 -18.89
C SER A 165 -3.31 -17.85 -17.95
N MET A 166 -4.25 -17.29 -17.20
CA MET A 166 -5.14 -18.04 -16.34
C MET A 166 -5.92 -19.10 -17.15
N LEU A 167 -6.64 -18.63 -18.19
CA LEU A 167 -7.37 -19.51 -19.17
C LEU A 167 -6.50 -20.58 -19.84
N ASP A 168 -5.41 -20.19 -20.51
CA ASP A 168 -4.56 -21.16 -21.26
C ASP A 168 -3.68 -22.06 -20.41
N ASP A 169 -3.43 -21.69 -19.15
CA ASP A 169 -2.46 -22.41 -18.35
C ASP A 169 -3.12 -23.13 -17.18
N ARG A 170 -4.41 -22.85 -16.96
CA ARG A 170 -5.18 -23.40 -15.84
C ARG A 170 -4.47 -23.13 -14.47
N GLN A 171 -4.06 -21.87 -14.29
CA GLN A 171 -3.11 -21.45 -13.24
C GLN A 171 -3.58 -20.09 -12.69
N ASN A 172 -3.59 -20.00 -11.36
CA ASN A 172 -4.00 -18.78 -10.70
C ASN A 172 -2.91 -17.74 -10.92
N GLN A 173 -3.35 -16.50 -11.00
CA GLN A 173 -2.44 -15.40 -11.33
C GLN A 173 -2.47 -14.37 -10.18
N SER A 174 -1.44 -13.54 -10.05
CA SER A 174 -1.59 -12.35 -9.21
C SER A 174 -1.05 -11.08 -9.91
N LEU A 175 -1.63 -9.93 -9.58
CA LEU A 175 -1.09 -8.61 -10.00
C LEU A 175 -0.62 -7.90 -8.76
N LEU A 176 0.70 -7.73 -8.70
CA LEU A 176 1.40 -7.22 -7.53
C LEU A 176 1.76 -5.78 -7.92
N ILE A 177 1.11 -4.85 -7.24
CA ILE A 177 1.23 -3.46 -7.63
C ILE A 177 2.07 -2.75 -6.56
N THR A 178 3.32 -2.44 -6.87
CA THR A 178 4.25 -1.80 -5.97
C THR A 178 4.14 -0.27 -5.96
N GLY A 179 4.63 0.36 -4.88
CA GLY A 179 4.60 1.84 -4.76
C GLY A 179 4.77 2.39 -3.38
N GLU A 180 5.57 3.47 -3.25
CA GLU A 180 5.54 4.23 -2.04
C GLU A 180 4.15 4.87 -1.90
N SER A 181 3.84 5.45 -0.72
CA SER A 181 2.56 6.04 -0.50
C SER A 181 2.21 7.15 -1.57
N GLY A 182 0.98 7.18 -2.09
CA GLY A 182 0.54 8.16 -3.13
C GLY A 182 0.95 7.84 -4.58
N ALA A 183 1.68 6.75 -4.81
CA ALA A 183 2.23 6.45 -6.16
C ALA A 183 1.20 5.97 -7.23
N GLY A 184 0.03 5.51 -6.80
CA GLY A 184 -1.02 5.07 -7.70
C GLY A 184 -1.53 3.64 -7.54
N LYS A 185 -1.04 2.91 -6.53
CA LYS A 185 -1.42 1.46 -6.37
C LYS A 185 -2.91 1.22 -6.35
N THR A 186 -3.62 2.03 -5.58
CA THR A 186 -5.02 1.83 -5.33
C THR A 186 -5.84 2.23 -6.58
N GLU A 187 -5.38 3.27 -7.30
CA GLU A 187 -6.11 3.70 -8.50
C GLU A 187 -5.94 2.60 -9.52
N ASN A 188 -4.74 1.99 -9.60
CA ASN A 188 -4.53 0.99 -10.59
C ASN A 188 -5.24 -0.33 -10.32
N THR A 189 -5.32 -0.67 -9.02
CA THR A 189 -6.03 -1.83 -8.54
C THR A 189 -7.47 -1.81 -9.04
N LYS A 190 -8.12 -0.65 -8.90
CA LYS A 190 -9.50 -0.41 -9.30
C LYS A 190 -9.68 -0.60 -10.82
N LYS A 191 -8.68 -0.23 -11.60
CA LYS A 191 -8.66 -0.48 -13.04
C LYS A 191 -8.55 -1.93 -13.40
N VAL A 192 -7.66 -2.64 -12.71
CA VAL A 192 -7.55 -4.07 -12.91
C VAL A 192 -8.94 -4.73 -12.67
N ILE A 193 -9.60 -4.32 -11.60
CA ILE A 193 -10.93 -4.84 -11.21
C ILE A 193 -11.98 -4.49 -12.27
N GLN A 194 -12.12 -3.19 -12.61
CA GLN A 194 -13.02 -2.71 -13.68
C GLN A 194 -12.83 -3.57 -14.93
N TYR A 195 -11.59 -3.77 -15.32
CA TYR A 195 -11.26 -4.48 -16.51
C TYR A 195 -11.61 -5.97 -16.51
N LEU A 196 -11.30 -6.65 -15.40
CA LEU A 196 -11.54 -8.10 -15.26
C LEU A 196 -13.02 -8.36 -15.23
N ALA A 197 -13.77 -7.47 -14.58
CA ALA A 197 -15.19 -7.60 -14.44
C ALA A 197 -15.93 -7.41 -15.78
N SER A 198 -15.38 -6.56 -16.65
CA SER A 198 -15.97 -6.28 -17.93
C SER A 198 -15.66 -7.41 -18.87
N VAL A 199 -14.38 -7.71 -19.09
CA VAL A 199 -14.05 -8.72 -20.09
C VAL A 199 -14.45 -10.17 -19.78
N ALA A 200 -14.79 -10.48 -18.52
CA ALA A 200 -15.13 -11.83 -18.10
C ALA A 200 -16.55 -11.90 -17.47
N GLY A 201 -17.28 -10.79 -17.48
CA GLY A 201 -18.61 -10.65 -16.83
C GLY A 201 -19.80 -11.33 -17.53
N ARG A 202 -20.88 -11.57 -16.77
CA ARG A 202 -22.17 -12.09 -17.28
C ARG A 202 -23.30 -11.04 -17.11
N VAL A 210 -25.17 -7.91 -12.00
CA VAL A 210 -25.43 -7.47 -10.62
C VAL A 210 -24.27 -7.83 -9.64
N LEU A 211 -23.60 -8.95 -9.90
CA LEU A 211 -22.46 -9.37 -9.13
C LEU A 211 -21.29 -8.42 -9.45
N GLU A 212 -20.99 -8.26 -10.74
CA GLU A 212 -20.10 -7.23 -11.25
C GLU A 212 -20.22 -5.86 -10.59
N GLN A 213 -21.44 -5.35 -10.46
CA GLN A 213 -21.64 -4.03 -9.87
C GLN A 213 -21.38 -4.02 -8.36
N GLN A 214 -21.57 -5.19 -7.75
CA GLN A 214 -21.34 -5.32 -6.34
C GLN A 214 -19.83 -5.39 -6.05
N ILE A 215 -19.07 -6.09 -6.89
CA ILE A 215 -17.60 -6.14 -6.86
C ILE A 215 -17.07 -4.71 -6.88
N LEU A 216 -17.60 -3.91 -7.82
CA LEU A 216 -17.19 -2.53 -8.02
C LEU A 216 -17.62 -1.69 -6.84
N GLN A 217 -18.76 -2.00 -6.28
CA GLN A 217 -19.26 -1.16 -5.21
C GLN A 217 -18.66 -1.50 -3.83
N ALA A 218 -17.88 -2.61 -3.76
CA ALA A 218 -17.13 -3.01 -2.56
C ALA A 218 -16.09 -1.96 -2.21
N ASN A 219 -15.53 -1.31 -3.22
CA ASN A 219 -14.45 -0.33 -3.00
C ASN A 219 -14.74 0.94 -2.26
N PRO A 220 -15.73 1.75 -2.69
CA PRO A 220 -16.10 2.97 -1.96
C PRO A 220 -16.48 2.77 -0.48
N ILE A 221 -16.98 1.59 -0.13
CA ILE A 221 -17.31 1.37 1.28
C ILE A 221 -15.97 1.20 2.01
N LEU A 222 -15.10 0.34 1.49
CA LEU A 222 -13.80 0.08 2.17
C LEU A 222 -12.97 1.35 2.29
N GLU A 223 -12.96 2.17 1.23
CA GLU A 223 -12.26 3.45 1.24
C GLU A 223 -12.80 4.45 2.20
N ALA A 224 -14.13 4.51 2.34
CA ALA A 224 -14.70 5.47 3.30
C ALA A 224 -14.21 5.17 4.74
N PHE A 225 -14.16 3.88 5.07
CA PHE A 225 -13.83 3.54 6.45
C PHE A 225 -12.35 3.27 6.63
N GLY A 226 -11.66 2.97 5.52
CA GLY A 226 -10.29 2.50 5.61
C GLY A 226 -9.18 3.41 5.06
N ASN A 227 -9.55 4.57 4.50
CA ASN A 227 -8.63 5.55 3.86
C ASN A 227 -8.78 6.86 4.54
N ALA A 228 -7.72 7.67 4.49
CA ALA A 228 -7.68 8.94 5.20
C ALA A 228 -6.65 9.86 4.58
N LYS A 229 -6.73 11.15 4.85
CA LYS A 229 -5.71 12.04 4.34
C LYS A 229 -4.45 11.90 5.18
N THR A 230 -3.31 11.55 4.57
CA THR A 230 -2.03 11.67 5.25
C THR A 230 -1.29 12.84 4.57
N THR A 231 -0.14 13.21 5.08
CA THR A 231 0.67 14.24 4.46
C THR A 231 1.24 13.74 3.13
N ARG A 232 1.07 12.46 2.80
CA ARG A 232 1.63 11.92 1.54
C ARG A 232 0.59 11.63 0.48
N ASN A 233 -0.63 11.45 0.93
CA ASN A 233 -1.71 11.00 0.07
C ASN A 233 -3.03 11.41 0.65
N ASN A 234 -3.78 12.22 -0.12
CA ASN A 234 -5.11 12.64 0.27
C ASN A 234 -6.11 11.49 0.39
N ASN A 235 -5.83 10.36 -0.26
CA ASN A 235 -6.66 9.13 -0.20
C ASN A 235 -5.84 7.96 0.23
N SER A 236 -5.10 8.11 1.35
CA SER A 236 -4.17 7.03 1.72
C SER A 236 -4.92 5.80 2.24
N SER A 237 -4.61 4.63 1.69
CA SER A 237 -5.08 3.35 2.19
C SER A 237 -4.36 3.08 3.51
N ARG A 238 -5.13 2.98 4.59
CA ARG A 238 -4.59 2.70 5.93
C ARG A 238 -4.87 1.25 6.35
N PHE A 239 -5.20 0.41 5.36
CA PHE A 239 -5.24 -1.05 5.44
C PHE A 239 -4.76 -1.55 4.04
N GLY A 240 -4.15 -2.73 4.02
CA GLY A 240 -3.79 -3.41 2.82
C GLY A 240 -4.86 -4.44 2.48
N LYS A 241 -4.90 -4.86 1.23
CA LYS A 241 -5.85 -5.89 0.82
C LYS A 241 -5.33 -6.75 -0.33
N PHE A 242 -5.68 -8.03 -0.29
CA PHE A 242 -5.53 -8.91 -1.41
C PHE A 242 -6.92 -9.26 -1.92
N ILE A 243 -7.18 -8.90 -3.17
CA ILE A 243 -8.54 -9.13 -3.71
C ILE A 243 -8.46 -10.30 -4.67
N GLU A 244 -9.24 -11.35 -4.40
CA GLU A 244 -9.33 -12.46 -5.37
C GLU A 244 -10.45 -12.21 -6.37
N ILE A 245 -10.13 -12.16 -7.65
CA ILE A 245 -11.22 -12.22 -8.64
C ILE A 245 -11.35 -13.65 -9.06
N GLN A 246 -12.52 -14.19 -8.76
CA GLN A 246 -12.82 -15.64 -8.87
C GLN A 246 -13.55 -15.96 -10.21
N PHE A 247 -13.04 -16.96 -10.91
CA PHE A 247 -13.58 -17.39 -12.21
C PHE A 247 -13.98 -18.87 -12.23
N ASN A 248 -15.16 -19.15 -12.81
CA ASN A 248 -15.57 -20.55 -13.02
C ASN A 248 -14.67 -21.17 -14.03
N SER A 249 -14.82 -22.48 -14.21
CA SER A 249 -13.97 -23.30 -15.09
C SER A 249 -14.01 -22.85 -16.57
N ALA A 250 -15.13 -22.23 -16.94
CA ALA A 250 -15.37 -21.70 -18.27
C ALA A 250 -14.54 -20.43 -18.49
N GLY A 251 -14.53 -19.55 -17.46
CA GLY A 251 -13.63 -18.40 -17.44
C GLY A 251 -14.39 -17.12 -17.26
N PHE A 252 -15.58 -17.24 -16.73
CA PHE A 252 -16.42 -16.10 -16.37
C PHE A 252 -16.24 -15.81 -14.88
N ILE A 253 -16.37 -14.53 -14.53
CA ILE A 253 -16.37 -14.11 -13.14
C ILE A 253 -17.48 -14.86 -12.37
N SER A 254 -17.09 -15.65 -11.35
CA SER A 254 -18.03 -16.32 -10.45
C SER A 254 -18.16 -15.62 -9.06
N GLY A 255 -17.16 -14.76 -8.76
CA GLY A 255 -17.23 -13.87 -7.63
C GLY A 255 -15.91 -13.18 -7.31
N ALA A 256 -15.86 -12.68 -6.09
CA ALA A 256 -14.62 -12.14 -5.51
C ALA A 256 -14.59 -12.25 -3.97
N SER A 257 -13.40 -12.15 -3.40
CA SER A 257 -13.11 -12.30 -1.96
C SER A 257 -11.98 -11.36 -1.56
N ILE A 258 -12.17 -10.64 -0.47
CA ILE A 258 -11.27 -9.62 -0.02
C ILE A 258 -10.65 -10.09 1.30
N GLN A 259 -9.33 -10.21 1.29
CA GLN A 259 -8.54 -10.35 2.51
C GLN A 259 -8.00 -8.95 2.89
N SER A 260 -8.34 -8.46 4.06
CA SER A 260 -7.81 -7.16 4.50
C SER A 260 -6.78 -7.41 5.59
N TYR A 261 -5.79 -6.51 5.69
CA TYR A 261 -4.72 -6.71 6.58
C TYR A 261 -4.84 -5.59 7.56
N LEU A 262 -4.02 -5.65 8.59
CA LEU A 262 -4.24 -4.87 9.78
C LEU A 262 -4.49 -3.38 9.45
N LEU A 263 -5.65 -2.89 9.88
CA LEU A 263 -6.00 -1.48 9.77
C LEU A 263 -5.20 -0.59 10.77
N GLU A 264 -4.84 0.62 10.37
CA GLU A 264 -4.18 1.52 11.29
C GLU A 264 -5.21 2.12 12.28
N LYS A 265 -5.58 1.35 13.30
CA LYS A 265 -6.62 1.77 14.30
C LYS A 265 -6.21 2.98 15.07
N SER A 266 -4.90 3.17 15.28
CA SER A 266 -4.45 4.39 16.01
C SER A 266 -5.00 5.72 15.44
N ARG A 267 -5.22 5.80 14.11
CA ARG A 267 -5.69 7.06 13.46
C ARG A 267 -7.04 7.54 14.01
N VAL A 268 -7.89 6.59 14.48
CA VAL A 268 -9.24 6.95 15.00
C VAL A 268 -9.15 7.96 16.15
N VAL A 269 -8.13 7.82 16.95
CA VAL A 269 -8.00 8.57 18.18
C VAL A 269 -6.94 9.67 18.11
N PHE A 270 -6.02 9.55 17.14
CA PHE A 270 -4.91 10.50 16.95
C PHE A 270 -4.58 10.74 15.46
N GLN A 271 -4.42 12.03 15.07
CA GLN A 271 -3.87 12.42 13.79
C GLN A 271 -2.86 13.56 13.91
N SER A 272 -1.75 13.38 13.19
CA SER A 272 -0.76 14.40 12.99
C SER A 272 -1.31 15.67 12.35
N GLU A 273 -0.61 16.79 12.56
CA GLU A 273 -0.95 18.10 11.99
C GLU A 273 -1.20 18.00 10.50
N THR A 274 -2.29 18.60 10.01
CA THR A 274 -2.69 18.57 8.58
C THR A 274 -3.34 17.27 8.09
N GLU A 275 -3.19 16.15 8.81
CA GLU A 275 -3.88 14.91 8.39
C GLU A 275 -5.36 14.93 8.78
N ARG A 276 -6.10 13.91 8.37
CA ARG A 276 -7.49 13.69 8.76
C ARG A 276 -7.65 12.28 9.43
N ASN A 277 -8.76 12.11 10.16
CA ASN A 277 -9.26 10.79 10.54
C ASN A 277 -9.80 10.14 9.27
N TYR A 278 -10.35 8.93 9.40
CA TYR A 278 -10.96 8.28 8.30
C TYR A 278 -12.05 9.15 7.68
N HIS A 279 -12.15 9.07 6.33
CA HIS A 279 -13.11 9.85 5.52
C HIS A 279 -14.54 9.80 6.13
N ILE A 280 -14.96 8.57 6.50
CA ILE A 280 -16.34 8.34 7.02
C ILE A 280 -16.75 9.29 8.09
N PHE A 281 -15.85 9.67 9.02
CA PHE A 281 -16.25 10.61 10.04
C PHE A 281 -16.68 11.98 9.46
N TYR A 282 -15.96 12.44 8.42
CA TYR A 282 -16.22 13.79 7.84
C TYR A 282 -17.51 13.73 7.00
N GLN A 283 -17.71 12.58 6.36
CA GLN A 283 -18.85 12.31 5.54
C GLN A 283 -20.16 12.22 6.32
N LEU A 284 -20.16 11.56 7.48
CA LEU A 284 -21.36 11.55 8.34
C LEU A 284 -21.73 12.97 8.78
N LEU A 285 -20.76 13.68 9.34
CA LEU A 285 -21.00 15.00 9.85
C LEU A 285 -21.50 15.93 8.74
N ALA A 286 -20.98 15.74 7.52
CA ALA A 286 -21.27 16.57 6.35
C ALA A 286 -22.58 16.19 5.68
N GLY A 287 -22.84 14.92 5.47
CA GLY A 287 -23.95 14.51 4.68
C GLY A 287 -25.13 13.91 5.43
N ALA A 288 -25.15 13.97 6.75
CA ALA A 288 -26.31 13.50 7.52
C ALA A 288 -27.55 14.43 7.43
N THR A 289 -28.71 13.76 7.39
CA THR A 289 -30.04 14.38 7.38
C THR A 289 -30.22 15.23 8.63
N ALA A 290 -31.35 15.93 8.76
CA ALA A 290 -31.58 16.78 9.94
C ALA A 290 -31.89 15.90 11.15
N GLU A 291 -32.53 14.77 10.86
CA GLU A 291 -32.93 13.79 11.87
C GLU A 291 -31.87 12.74 12.25
N GLU A 292 -30.95 12.45 11.30
CA GLU A 292 -29.72 11.72 11.59
C GLU A 292 -29.02 12.56 12.69
N LYS A 293 -28.78 13.83 12.41
CA LYS A 293 -27.96 14.63 13.30
C LYS A 293 -28.54 14.79 14.70
N LYS A 294 -29.86 14.66 14.84
CA LYS A 294 -30.53 14.87 16.14
C LYS A 294 -30.58 13.55 16.92
N ALA A 295 -30.95 12.48 16.21
CA ALA A 295 -30.93 11.12 16.75
C ALA A 295 -29.50 10.66 17.19
N LEU A 296 -28.48 11.13 16.45
CA LEU A 296 -27.08 10.78 16.75
C LEU A 296 -26.31 11.82 17.57
N HIS A 297 -26.92 12.96 17.84
CA HIS A 297 -26.37 14.01 18.69
C HIS A 297 -25.10 14.65 18.09
N LEU A 298 -25.11 14.75 16.76
CA LEU A 298 -23.97 15.25 15.98
C LEU A 298 -23.92 16.77 15.95
N ALA A 299 -22.78 17.31 15.53
CA ALA A 299 -22.50 18.73 15.42
C ALA A 299 -21.39 18.78 14.35
N GLY A 300 -20.54 19.81 14.36
CA GLY A 300 -19.44 19.86 13.38
C GLY A 300 -18.10 19.26 13.84
N PRO A 301 -17.24 18.88 12.85
CA PRO A 301 -15.95 18.24 13.20
C PRO A 301 -15.24 18.95 14.33
N GLU A 302 -15.32 20.28 14.36
CA GLU A 302 -14.58 21.08 15.30
C GLU A 302 -15.03 20.85 16.77
N SER A 303 -16.22 20.26 16.91
CA SER A 303 -16.84 19.87 18.21
C SER A 303 -16.27 18.54 18.84
N PHE A 304 -15.62 17.73 17.99
CA PHE A 304 -15.11 16.41 18.38
C PHE A 304 -13.58 16.36 18.49
N ASN A 305 -13.12 16.06 19.70
CA ASN A 305 -11.67 15.84 19.93
C ASN A 305 -11.03 14.90 18.91
N TYR A 306 -11.77 13.93 18.41
CA TYR A 306 -11.13 12.99 17.47
C TYR A 306 -10.98 13.59 16.06
N LEU A 307 -11.57 14.78 15.84
CA LEU A 307 -11.61 15.50 14.51
C LEU A 307 -11.00 16.91 14.51
N ASN A 308 -10.64 17.43 15.68
CA ASN A 308 -10.32 18.84 15.79
C ASN A 308 -8.91 19.09 16.25
N GLN A 309 -8.03 18.11 16.10
CA GLN A 309 -6.69 18.25 16.69
C GLN A 309 -5.69 18.52 15.56
N SER A 310 -5.95 18.00 14.38
CA SER A 310 -4.99 18.10 13.29
C SER A 310 -5.06 19.43 12.54
N GLY A 311 -6.19 20.14 12.62
CA GLY A 311 -6.28 21.46 12.00
C GLY A 311 -6.79 21.36 10.58
N CYS A 312 -7.02 20.13 10.13
CA CYS A 312 -7.62 19.86 8.85
C CYS A 312 -8.89 19.02 9.00
N VAL A 313 -9.99 19.58 8.50
CA VAL A 313 -11.28 18.91 8.40
C VAL A 313 -11.78 18.72 6.97
N ASP A 314 -11.05 19.25 6.00
CA ASP A 314 -11.47 19.34 4.59
C ASP A 314 -10.34 18.91 3.69
N ILE A 315 -10.66 18.23 2.61
CA ILE A 315 -9.65 17.91 1.62
C ILE A 315 -9.96 18.69 0.32
N LYS A 316 -8.97 19.41 -0.26
CA LYS A 316 -9.24 20.21 -1.50
C LYS A 316 -9.75 19.33 -2.65
N GLY A 317 -10.91 19.70 -3.17
CA GLY A 317 -11.53 19.02 -4.32
C GLY A 317 -12.46 17.87 -3.97
N VAL A 318 -12.71 17.74 -2.66
CA VAL A 318 -13.56 16.67 -2.13
C VAL A 318 -14.70 17.24 -1.34
N SER A 319 -15.88 16.82 -1.75
CA SER A 319 -17.12 17.09 -1.04
C SER A 319 -17.45 15.85 -0.16
N ASP A 320 -17.31 16.00 1.15
CA ASP A 320 -17.62 14.91 2.06
C ASP A 320 -19.08 14.56 2.10
N SER A 321 -19.95 15.58 2.07
CA SER A 321 -21.40 15.35 1.91
C SER A 321 -21.75 14.54 0.67
N GLU A 322 -21.09 14.84 -0.44
CA GLU A 322 -21.33 14.11 -1.68
C GLU A 322 -20.71 12.74 -1.66
N GLU A 323 -19.54 12.60 -1.04
CA GLU A 323 -18.98 11.28 -0.77
C GLU A 323 -19.90 10.46 0.17
N PHE A 324 -20.46 11.06 1.21
CA PHE A 324 -21.45 10.34 2.02
C PHE A 324 -22.54 9.68 1.20
N LYS A 325 -23.14 10.42 0.25
CA LYS A 325 -24.09 9.82 -0.73
C LYS A 325 -23.55 8.64 -1.53
N ILE A 326 -22.36 8.76 -2.08
CA ILE A 326 -21.71 7.61 -2.76
C ILE A 326 -21.46 6.41 -1.80
N THR A 327 -21.24 6.68 -0.51
CA THR A 327 -21.00 5.57 0.44
C THR A 327 -22.33 4.83 0.72
N ARG A 328 -23.39 5.57 1.03
CA ARG A 328 -24.76 5.01 1.16
C ARG A 328 -25.28 4.26 -0.05
N GLN A 329 -25.01 4.76 -1.26
CA GLN A 329 -25.40 4.12 -2.55
C GLN A 329 -24.71 2.77 -2.65
N ALA A 330 -23.40 2.76 -2.36
CA ALA A 330 -22.60 1.54 -2.48
C ALA A 330 -23.04 0.55 -1.41
N MET A 331 -23.35 1.05 -0.21
CA MET A 331 -23.92 0.21 0.84
C MET A 331 -25.32 -0.38 0.44
N ASP A 332 -26.22 0.42 -0.16
CA ASP A 332 -27.51 -0.11 -0.69
C ASP A 332 -27.28 -1.22 -1.69
N ILE A 333 -26.36 -1.00 -2.64
CA ILE A 333 -26.09 -1.94 -3.72
C ILE A 333 -25.46 -3.29 -3.30
N VAL A 334 -24.54 -3.24 -2.33
CA VAL A 334 -23.95 -4.44 -1.78
C VAL A 334 -25.04 -5.21 -0.96
N GLY A 335 -25.86 -4.49 -0.20
CA GLY A 335 -26.90 -5.22 0.50
C GLY A 335 -27.03 -4.91 1.97
N PHE A 336 -26.33 -3.90 2.47
CA PHE A 336 -26.52 -3.48 3.84
C PHE A 336 -27.92 -2.90 4.04
N SER A 337 -28.70 -3.55 4.91
CA SER A 337 -30.06 -3.10 5.18
C SER A 337 -30.09 -1.73 5.84
N GLN A 338 -31.27 -1.11 5.82
CA GLN A 338 -31.43 0.21 6.39
C GLN A 338 -31.16 0.27 7.89
N GLU A 339 -31.51 -0.80 8.62
CA GLU A 339 -31.24 -0.78 10.05
C GLU A 339 -29.72 -0.97 10.30
N GLU A 340 -29.08 -1.82 9.49
CA GLU A 340 -27.64 -2.05 9.51
C GLU A 340 -26.81 -0.77 9.30
N GLN A 341 -27.09 -0.07 8.20
CA GLN A 341 -26.50 1.25 7.94
C GLN A 341 -26.67 2.18 9.09
N MET A 342 -27.90 2.32 9.64
CA MET A 342 -28.07 3.19 10.81
C MET A 342 -27.20 2.72 11.98
N SER A 343 -27.09 1.40 12.15
CA SER A 343 -26.29 0.84 13.25
C SER A 343 -24.79 1.24 13.13
N ILE A 344 -24.24 0.97 11.95
CA ILE A 344 -22.95 1.51 11.45
C ILE A 344 -22.70 2.96 11.81
N PHE A 345 -23.67 3.84 11.46
CA PHE A 345 -23.52 5.28 11.79
C PHE A 345 -23.63 5.64 13.24
N LYS A 346 -24.34 4.80 13.99
CA LYS A 346 -24.46 4.92 15.44
C LYS A 346 -23.12 4.69 16.08
N ILE A 347 -22.41 3.71 15.54
CA ILE A 347 -21.07 3.28 16.00
C ILE A 347 -20.05 4.38 15.69
N ILE A 348 -20.11 4.89 14.43
CA ILE A 348 -19.34 6.10 14.02
C ILE A 348 -19.57 7.23 14.98
N ALA A 349 -20.86 7.55 15.22
CA ALA A 349 -21.25 8.65 16.14
C ALA A 349 -20.81 8.45 17.57
N GLY A 350 -21.04 7.24 18.07
CA GLY A 350 -20.64 6.89 19.45
C GLY A 350 -19.16 7.00 19.73
N ILE A 351 -18.37 6.64 18.71
CA ILE A 351 -16.92 6.75 18.77
C ILE A 351 -16.56 8.17 18.92
N LEU A 352 -17.25 9.06 18.17
CA LEU A 352 -17.05 10.51 18.32
C LEU A 352 -17.47 10.98 19.71
N HIS A 353 -18.65 10.55 20.18
CA HIS A 353 -19.00 10.89 21.58
C HIS A 353 -18.02 10.39 22.61
N LEU A 354 -17.53 9.16 22.47
CA LEU A 354 -16.48 8.57 23.39
C LEU A 354 -15.23 9.42 23.43
N GLY A 355 -14.82 9.91 22.25
CA GLY A 355 -13.73 10.86 22.16
C GLY A 355 -13.85 12.12 22.96
N ASN A 356 -15.10 12.57 23.16
CA ASN A 356 -15.39 13.78 23.97
C ASN A 356 -15.52 13.60 25.47
N ILE A 357 -15.43 12.36 25.97
CA ILE A 357 -15.47 12.16 27.41
C ILE A 357 -14.24 12.80 28.00
N LYS A 358 -14.40 13.66 29.01
CA LYS A 358 -13.28 14.25 29.65
C LYS A 358 -13.12 13.83 31.12
N PHE A 359 -12.11 13.00 31.38
CA PHE A 359 -11.79 12.51 32.73
C PHE A 359 -11.03 13.58 33.49
N GLU A 360 -11.29 13.69 34.78
CA GLU A 360 -10.53 14.61 35.64
C GLU A 360 -10.12 13.92 36.89
N LYS A 361 -9.09 14.42 37.57
CA LYS A 361 -8.70 13.87 38.88
C LYS A 361 -9.83 14.11 39.91
N GLY A 362 -10.09 13.11 40.75
CA GLY A 362 -11.03 13.21 41.85
C GLY A 362 -10.30 13.64 43.11
N ALA A 363 -10.89 13.34 44.28
CA ALA A 363 -10.21 13.62 45.55
C ALA A 363 -8.85 12.93 45.57
N GLY A 364 -8.81 11.64 45.24
CA GLY A 364 -7.56 10.91 45.23
C GLY A 364 -6.92 10.84 43.86
N GLU A 365 -6.06 9.85 43.67
CA GLU A 365 -5.35 9.65 42.41
C GLU A 365 -6.32 9.25 41.28
N GLY A 366 -7.46 8.64 41.62
CA GLY A 366 -8.40 8.05 40.64
C GLY A 366 -9.24 9.05 39.85
N ALA A 367 -9.42 8.82 38.57
CA ALA A 367 -10.28 9.69 37.75
C ALA A 367 -11.78 9.71 38.12
N VAL A 368 -12.44 10.87 37.83
CA VAL A 368 -13.88 11.05 37.92
C VAL A 368 -14.47 11.60 36.60
N LEU A 369 -15.76 11.43 36.41
CA LEU A 369 -16.44 12.09 35.32
C LEU A 369 -17.44 13.11 35.90
N LYS A 370 -17.12 14.40 35.79
CA LYS A 370 -18.00 15.47 36.32
C LYS A 370 -19.11 15.83 35.35
N ASP A 371 -18.74 15.97 34.09
CA ASP A 371 -19.70 16.23 33.04
C ASP A 371 -19.96 14.89 32.33
N LYS A 372 -21.23 14.47 32.28
CA LYS A 372 -21.57 13.18 31.68
C LYS A 372 -22.28 13.25 30.36
N THR A 373 -22.31 14.43 29.75
CA THR A 373 -23.00 14.62 28.45
C THR A 373 -22.49 13.68 27.31
N ALA A 374 -21.17 13.69 27.08
CA ALA A 374 -20.55 12.83 26.02
C ALA A 374 -20.76 11.37 26.37
N LEU A 375 -20.61 11.03 27.66
CA LEU A 375 -20.82 9.62 28.12
C LEU A 375 -22.25 9.15 27.84
N ASN A 376 -23.24 10.00 28.22
CA ASN A 376 -24.68 9.72 27.99
C ASN A 376 -25.09 9.61 26.53
N ALA A 377 -24.58 10.53 25.70
CA ALA A 377 -24.77 10.47 24.25
C ALA A 377 -24.16 9.23 23.59
N ALA A 378 -22.92 8.84 23.97
CA ALA A 378 -22.33 7.55 23.46
C ALA A 378 -23.17 6.36 23.86
N SER A 379 -23.53 6.32 25.15
CA SER A 379 -24.32 5.19 25.69
C SER A 379 -25.64 5.09 24.98
N THR A 380 -26.34 6.23 24.78
CA THR A 380 -27.61 6.26 24.01
C THR A 380 -27.46 5.65 22.59
N VAL A 381 -26.56 6.20 21.76
CA VAL A 381 -26.38 5.65 20.40
C VAL A 381 -25.81 4.21 20.36
N PHE A 382 -24.91 3.82 21.29
CA PHE A 382 -24.49 2.39 21.31
C PHE A 382 -25.56 1.43 21.88
N GLY A 383 -26.42 1.96 22.75
CA GLY A 383 -27.43 1.14 23.43
C GLY A 383 -26.82 0.32 24.56
N VAL A 384 -25.97 0.98 25.33
CA VAL A 384 -25.36 0.39 26.50
C VAL A 384 -25.70 1.26 27.72
N ASN A 385 -25.50 0.71 28.91
CA ASN A 385 -25.83 1.37 30.14
C ASN A 385 -24.69 2.29 30.52
N PRO A 386 -24.95 3.63 30.63
CA PRO A 386 -23.89 4.59 30.91
C PRO A 386 -23.21 4.43 32.27
N SER A 387 -23.97 4.00 33.30
CA SER A 387 -23.39 3.80 34.63
C SER A 387 -22.43 2.61 34.59
N VAL A 388 -22.81 1.57 33.85
CA VAL A 388 -21.92 0.41 33.61
C VAL A 388 -20.64 0.80 32.79
N LEU A 389 -20.83 1.59 31.72
CA LEU A 389 -19.71 2.03 30.88
C LEU A 389 -18.73 2.90 31.68
N GLU A 390 -19.27 3.80 32.48
CA GLU A 390 -18.48 4.68 33.30
C GLU A 390 -17.57 3.85 34.25
N LYS A 391 -18.20 2.96 35.02
CA LYS A 391 -17.53 1.97 35.88
C LYS A 391 -16.47 1.16 35.11
N ALA A 392 -16.81 0.66 33.95
CA ALA A 392 -15.86 -0.08 33.14
C ALA A 392 -14.65 0.76 32.64
N LEU A 393 -14.78 2.09 32.59
CA LEU A 393 -13.68 2.96 32.07
C LEU A 393 -12.71 3.37 33.14
N MET A 394 -13.24 3.79 34.29
CA MET A 394 -12.41 4.30 35.39
C MET A 394 -12.10 3.30 36.52
N GLU A 395 -12.97 2.31 36.65
CA GLU A 395 -12.88 1.29 37.71
C GLU A 395 -13.10 -0.11 37.11
N PRO A 396 -12.23 -0.50 36.14
CA PRO A 396 -12.41 -1.83 35.58
C PRO A 396 -11.93 -2.90 36.58
N ARG A 397 -12.56 -4.08 36.54
CA ARG A 397 -12.16 -5.15 37.46
C ARG A 397 -11.16 -6.07 36.82
N ILE A 398 -10.10 -6.40 37.57
CA ILE A 398 -9.11 -7.38 37.13
C ILE A 398 -8.92 -8.51 38.18
N LEU A 399 -8.27 -9.62 37.79
CA LEU A 399 -7.72 -10.60 38.76
C LEU A 399 -6.37 -10.13 39.29
N ALA A 400 -6.19 -10.17 40.61
CA ALA A 400 -4.84 -10.09 41.20
C ALA A 400 -4.63 -11.46 41.88
N GLY A 401 -3.90 -12.35 41.21
CA GLY A 401 -3.89 -13.76 41.54
C GLY A 401 -5.21 -14.34 41.07
N ARG A 402 -6.05 -14.72 42.02
CA ARG A 402 -7.40 -15.15 41.74
C ARG A 402 -8.38 -14.19 42.34
N ASP A 403 -7.87 -13.20 43.05
CA ASP A 403 -8.79 -12.27 43.68
C ASP A 403 -9.33 -11.26 42.62
N LEU A 404 -10.55 -10.75 42.83
CA LEU A 404 -11.20 -9.86 41.90
C LEU A 404 -11.09 -8.47 42.49
N VAL A 405 -10.31 -7.59 41.84
CA VAL A 405 -9.96 -6.25 42.39
C VAL A 405 -10.36 -5.13 41.42
N ALA A 406 -11.21 -4.22 41.89
CA ALA A 406 -11.71 -3.12 41.05
C ALA A 406 -10.57 -2.11 41.04
N GLN A 407 -10.13 -1.69 39.86
CA GLN A 407 -9.03 -0.69 39.84
C GLN A 407 -9.68 0.68 39.96
N HIS A 408 -8.89 1.73 40.17
CA HIS A 408 -9.44 3.07 39.96
C HIS A 408 -8.42 3.81 39.16
N LEU A 409 -8.67 3.90 37.86
CA LEU A 409 -7.64 4.40 36.90
C LEU A 409 -7.55 5.90 37.01
N ASN A 410 -6.33 6.40 36.91
CA ASN A 410 -6.09 7.84 36.86
C ASN A 410 -6.58 8.41 35.51
N VAL A 411 -6.40 9.73 35.30
CA VAL A 411 -6.90 10.39 34.08
C VAL A 411 -6.21 9.81 32.87
N GLU A 412 -4.89 9.69 32.93
CA GLU A 412 -4.18 9.15 31.79
C GLU A 412 -4.64 7.73 31.42
N LYS A 413 -4.62 6.82 32.42
CA LYS A 413 -5.09 5.43 32.17
C LYS A 413 -6.53 5.32 31.73
N SER A 414 -7.42 6.12 32.30
CA SER A 414 -8.82 6.10 31.87
C SER A 414 -8.96 6.55 30.42
N SER A 415 -8.29 7.65 30.10
CA SER A 415 -8.29 8.18 28.73
C SER A 415 -7.75 7.14 27.75
N SER A 416 -6.69 6.47 28.15
CA SER A 416 -6.10 5.47 27.29
C SER A 416 -7.02 4.20 27.14
N SER A 417 -7.68 3.81 28.22
CA SER A 417 -8.68 2.72 28.15
C SER A 417 -9.85 3.10 27.26
N ARG A 418 -10.32 4.34 27.37
CA ARG A 418 -11.37 4.84 26.47
C ARG A 418 -10.91 4.75 25.02
N ASP A 419 -9.65 5.14 24.73
CA ASP A 419 -9.05 5.00 23.37
C ASP A 419 -9.05 3.58 22.85
N ALA A 420 -8.61 2.65 23.73
CA ALA A 420 -8.61 1.20 23.39
C ALA A 420 -9.99 0.73 22.97
N LEU A 421 -11.03 1.10 23.72
CA LEU A 421 -12.41 0.67 23.38
C LEU A 421 -12.83 1.26 22.02
N VAL A 422 -12.51 2.56 21.80
CA VAL A 422 -12.75 3.20 20.47
C VAL A 422 -12.05 2.48 19.33
N LYS A 423 -10.74 2.21 19.48
CA LYS A 423 -10.03 1.48 18.42
C LYS A 423 -10.57 0.08 18.20
N ALA A 424 -10.88 -0.66 19.26
CA ALA A 424 -11.54 -2.00 19.11
C ALA A 424 -12.89 -1.88 18.40
N LEU A 425 -13.69 -0.88 18.77
CA LEU A 425 -14.99 -0.74 18.06
C LEU A 425 -14.74 -0.51 16.56
N TYR A 426 -13.77 0.35 16.25
CA TYR A 426 -13.49 0.71 14.82
C TYR A 426 -12.89 -0.45 14.06
N GLY A 427 -11.89 -1.10 14.66
CA GLY A 427 -11.27 -2.22 13.97
C GLY A 427 -12.25 -3.37 13.78
N ARG A 428 -13.06 -3.65 14.78
CA ARG A 428 -14.07 -4.75 14.67
C ARG A 428 -15.17 -4.41 13.66
N LEU A 429 -15.68 -3.15 13.67
CA LEU A 429 -16.57 -2.69 12.60
C LEU A 429 -15.92 -2.88 11.22
N PHE A 430 -14.66 -2.49 11.07
CA PHE A 430 -14.06 -2.70 9.76
C PHE A 430 -14.03 -4.15 9.34
N LEU A 431 -13.64 -5.04 10.25
CA LEU A 431 -13.62 -6.47 9.88
C LEU A 431 -15.03 -7.01 9.55
N TRP A 432 -16.04 -6.52 10.26
CA TRP A 432 -17.45 -6.83 10.04
C TRP A 432 -17.88 -6.38 8.64
N LEU A 433 -17.64 -5.11 8.28
CA LEU A 433 -17.84 -4.64 6.89
C LEU A 433 -17.24 -5.57 5.85
N VAL A 434 -15.97 -5.95 6.03
CA VAL A 434 -15.31 -6.85 5.10
C VAL A 434 -16.00 -8.24 5.08
N LYS A 435 -16.33 -8.78 6.25
CA LYS A 435 -17.05 -10.05 6.36
C LYS A 435 -18.35 -9.98 5.56
N LYS A 436 -19.14 -8.94 5.82
CA LYS A 436 -20.43 -8.76 5.16
C LYS A 436 -20.23 -8.66 3.65
N ILE A 437 -19.30 -7.81 3.24
CA ILE A 437 -19.03 -7.77 1.81
C ILE A 437 -18.68 -9.12 1.21
N ASN A 438 -17.84 -9.90 1.86
CA ASN A 438 -17.42 -11.17 1.28
C ASN A 438 -18.59 -12.20 1.19
N ASN A 439 -19.55 -12.10 2.11
CA ASN A 439 -20.68 -13.03 2.10
C ASN A 439 -21.48 -12.82 0.84
N VAL A 440 -21.74 -11.55 0.51
CA VAL A 440 -22.34 -11.16 -0.81
C VAL A 440 -21.48 -11.58 -2.03
N LEU A 441 -20.19 -11.22 -2.09
CA LEU A 441 -19.36 -11.42 -3.32
C LEU A 441 -18.86 -12.84 -3.58
N CYS A 442 -18.88 -13.63 -2.52
CA CYS A 442 -18.30 -14.98 -2.54
C CYS A 442 -19.42 -16.01 -2.19
N GLN A 443 -20.20 -16.28 -3.23
CA GLN A 443 -21.47 -17.06 -3.15
C GLN A 443 -21.40 -18.39 -3.95
N GLU A 444 -20.24 -18.65 -4.54
CA GLU A 444 -19.97 -19.88 -5.28
C GLU A 444 -18.51 -20.23 -5.07
N ARG A 445 -18.19 -21.54 -5.14
CA ARG A 445 -16.80 -22.01 -5.13
C ARG A 445 -16.11 -21.55 -6.42
N LYS A 446 -14.81 -21.26 -6.31
CA LYS A 446 -14.06 -20.71 -7.41
C LYS A 446 -13.35 -21.85 -8.10
N ALA A 447 -13.03 -21.70 -9.37
CA ALA A 447 -12.19 -22.68 -10.00
C ALA A 447 -10.81 -22.05 -10.11
N TYR A 448 -10.80 -20.75 -10.42
CA TYR A 448 -9.55 -20.02 -10.62
C TYR A 448 -9.67 -18.63 -9.99
N PHE A 449 -8.51 -18.03 -9.79
CA PHE A 449 -8.51 -16.64 -9.33
C PHE A 449 -7.41 -15.81 -9.97
N ILE A 450 -7.70 -14.53 -10.10
CA ILE A 450 -6.64 -13.54 -10.33
C ILE A 450 -6.66 -12.70 -9.08
N GLY A 451 -5.55 -12.77 -8.33
CA GLY A 451 -5.47 -11.99 -7.10
C GLY A 451 -4.79 -10.65 -7.35
N VAL A 452 -5.34 -9.59 -6.78
CA VAL A 452 -4.69 -8.30 -6.93
C VAL A 452 -4.30 -7.72 -5.55
N LEU A 453 -3.02 -7.39 -5.42
CA LEU A 453 -2.49 -6.94 -4.13
C LEU A 453 -2.37 -5.43 -4.06
N ASP A 454 -3.08 -4.81 -3.11
CA ASP A 454 -3.04 -3.38 -2.85
C ASP A 454 -2.76 -3.06 -1.37
N ILE A 455 -1.50 -3.02 -1.02
CA ILE A 455 -1.01 -2.67 0.33
C ILE A 455 -0.88 -1.16 0.59
N SER A 456 -0.79 -0.78 1.87
CA SER A 456 -0.23 0.52 2.22
C SER A 456 1.23 0.60 1.76
N GLY A 457 1.58 1.63 0.99
CA GLY A 457 2.86 1.79 0.40
C GLY A 457 3.90 2.33 1.37
N PHE A 458 5.16 2.13 1.06
CA PHE A 458 6.26 2.66 1.86
C PHE A 458 6.00 4.15 2.28
N GLU A 459 6.23 4.45 3.56
CA GLU A 459 6.03 5.81 4.00
C GLU A 459 7.00 6.23 5.07
N ILE A 460 7.27 7.53 5.09
CA ILE A 460 8.07 8.17 6.09
C ILE A 460 7.40 9.48 6.53
N PHE A 461 7.24 9.64 7.83
CA PHE A 461 6.80 10.87 8.39
C PHE A 461 7.86 11.44 9.31
N LYS A 462 7.57 12.60 9.87
CA LYS A 462 8.43 13.14 10.94
C LYS A 462 8.52 12.18 12.11
N VAL A 463 7.38 11.57 12.44
CA VAL A 463 7.29 10.53 13.48
C VAL A 463 6.84 9.24 12.87
N ASN A 464 7.68 8.20 12.97
CA ASN A 464 7.34 6.88 12.52
C ASN A 464 7.21 6.00 13.73
N SER A 465 6.16 5.19 13.72
CA SER A 465 5.89 4.34 14.83
C SER A 465 5.76 2.91 14.41
N PHE A 466 5.19 2.10 15.26
CA PHE A 466 5.06 0.68 15.01
C PHE A 466 4.29 0.37 13.73
N GLU A 467 3.23 1.09 13.46
CA GLU A 467 2.44 0.95 12.23
C GLU A 467 3.34 1.09 11.01
N GLN A 468 4.18 2.14 11.01
CA GLN A 468 5.14 2.41 9.87
C GLN A 468 6.11 1.30 9.75
N LEU A 469 6.63 0.77 10.86
CA LEU A 469 7.55 -0.37 10.73
C LEU A 469 6.87 -1.56 10.00
N CYS A 470 5.66 -1.93 10.41
CA CYS A 470 4.97 -3.07 9.76
C CYS A 470 4.63 -2.80 8.28
N ILE A 471 4.20 -1.57 7.98
CA ILE A 471 3.97 -1.16 6.55
C ILE A 471 5.27 -1.30 5.75
N ASN A 472 6.35 -0.76 6.29
CA ASN A 472 7.56 -0.65 5.53
C ASN A 472 8.20 -2.03 5.36
N TYR A 473 8.06 -2.86 6.39
CA TYR A 473 8.47 -4.27 6.30
C TYR A 473 7.67 -5.01 5.19
N THR A 474 6.36 -4.78 5.11
CA THR A 474 5.55 -5.41 4.02
C THR A 474 6.04 -4.97 2.65
N ASN A 475 6.40 -3.70 2.51
CA ASN A 475 6.93 -3.18 1.25
C ASN A 475 8.28 -3.78 0.95
N GLU A 476 9.13 -3.93 1.97
CA GLU A 476 10.40 -4.62 1.79
C GLU A 476 10.26 -6.09 1.32
N LYS A 477 9.30 -6.82 1.89
CA LYS A 477 9.01 -8.20 1.56
C LYS A 477 8.44 -8.25 0.10
N LEU A 478 7.63 -7.26 -0.26
CA LEU A 478 7.07 -7.20 -1.61
C LEU A 478 8.19 -6.91 -2.62
N GLN A 479 9.13 -6.01 -2.28
CA GLN A 479 10.33 -5.86 -3.12
C GLN A 479 11.18 -7.16 -3.19
N GLN A 480 11.44 -7.81 -2.04
CA GLN A 480 12.17 -9.06 -2.14
C GLN A 480 11.50 -10.08 -3.10
N PHE A 481 10.18 -10.10 -3.14
CA PHE A 481 9.42 -11.06 -3.94
C PHE A 481 9.61 -10.75 -5.45
N PHE A 482 9.64 -9.48 -5.82
CA PHE A 482 10.10 -9.04 -7.11
C PHE A 482 11.54 -9.47 -7.42
N ASN A 483 12.49 -9.21 -6.51
CA ASN A 483 13.85 -9.66 -6.69
C ASN A 483 13.92 -11.18 -6.90
N HIS A 484 13.10 -11.91 -6.18
CA HIS A 484 13.17 -13.37 -6.15
C HIS A 484 12.76 -13.90 -7.54
N HIS A 485 11.57 -13.53 -8.01
N HIS A 485 11.62 -13.42 -8.01
CA HIS A 485 11.11 -13.90 -9.33
CA HIS A 485 11.00 -13.81 -9.27
C HIS A 485 12.11 -13.51 -10.42
C HIS A 485 11.63 -13.32 -10.56
N MET A 486 12.38 -12.20 -10.50
CA MET A 486 13.11 -11.62 -11.62
C MET A 486 14.51 -12.05 -11.72
N PHE A 487 15.20 -12.16 -10.58
CA PHE A 487 16.62 -12.45 -10.62
C PHE A 487 17.04 -13.80 -10.05
N LYS A 488 16.51 -14.17 -8.88
CA LYS A 488 17.07 -15.31 -8.14
C LYS A 488 16.52 -16.62 -8.74
N LEU A 489 15.20 -16.74 -8.84
CA LEU A 489 14.59 -17.90 -9.42
C LEU A 489 15.04 -18.06 -10.88
N GLU A 490 15.08 -16.94 -11.60
CA GLU A 490 15.46 -16.91 -13.00
C GLU A 490 16.83 -17.57 -13.22
N GLN A 491 17.80 -17.14 -12.44
CA GLN A 491 19.15 -17.66 -12.59
C GLN A 491 19.34 -19.10 -12.05
N GLU A 492 18.62 -19.48 -10.99
CA GLU A 492 18.58 -20.87 -10.52
C GLU A 492 18.07 -21.82 -11.58
N GLU A 493 17.18 -21.36 -12.45
CA GLU A 493 16.69 -22.19 -13.55
C GLU A 493 17.84 -22.45 -14.53
N TYR A 494 18.59 -21.39 -14.87
CA TYR A 494 19.71 -21.49 -15.77
C TYR A 494 20.75 -22.47 -15.22
N LEU A 495 20.88 -22.50 -13.89
CA LEU A 495 21.83 -23.36 -13.17
C LEU A 495 21.42 -24.83 -13.13
N LYS A 496 20.15 -25.10 -12.78
CA LYS A 496 19.61 -26.46 -12.80
C LYS A 496 19.42 -26.98 -14.24
N GLU A 497 19.81 -26.19 -15.23
CA GLU A 497 19.65 -26.58 -16.65
C GLU A 497 20.93 -26.36 -17.43
N LYS A 498 22.05 -26.39 -16.69
CA LYS A 498 23.40 -26.08 -17.18
C LYS A 498 23.35 -25.50 -18.60
N ILE A 499 23.09 -24.21 -18.71
CA ILE A 499 22.88 -23.64 -20.02
C ILE A 499 24.04 -22.71 -20.45
N ASN A 500 25.18 -22.81 -19.76
CA ASN A 500 26.28 -21.84 -19.99
C ASN A 500 25.74 -20.43 -19.70
N TRP A 501 25.86 -20.06 -18.45
CA TRP A 501 25.34 -18.81 -17.91
C TRP A 501 26.29 -18.51 -16.76
N THR A 502 27.03 -17.43 -16.88
CA THR A 502 27.76 -16.95 -15.72
C THR A 502 26.77 -16.17 -14.84
N PHE A 503 26.66 -16.59 -13.58
CA PHE A 503 25.77 -15.94 -12.63
C PHE A 503 26.08 -14.44 -12.52
N ILE A 504 25.04 -13.60 -12.48
CA ILE A 504 25.21 -12.14 -12.30
C ILE A 504 24.70 -11.75 -10.92
N ASP A 505 25.44 -10.93 -10.20
CA ASP A 505 24.99 -10.40 -8.95
C ASP A 505 24.27 -9.11 -9.26
N PHE A 506 22.95 -9.11 -9.17
CA PHE A 506 22.21 -7.88 -9.46
C PHE A 506 22.18 -6.91 -8.27
N GLY A 507 22.83 -7.33 -7.18
CA GLY A 507 23.05 -6.48 -5.99
C GLY A 507 21.81 -5.83 -5.41
N LEU A 508 20.69 -6.57 -5.44
CA LEU A 508 19.41 -6.10 -4.90
C LEU A 508 19.01 -7.22 -3.97
N ASP A 509 19.13 -6.93 -2.67
CA ASP A 509 18.88 -7.95 -1.68
C ASP A 509 18.35 -7.33 -0.40
N SER A 510 17.15 -7.73 -0.06
CA SER A 510 16.46 -7.13 1.04
C SER A 510 16.61 -8.04 2.25
N GLN A 511 17.38 -9.13 2.10
CA GLN A 511 17.38 -10.21 3.13
C GLN A 511 17.83 -9.73 4.52
N ALA A 512 18.91 -8.98 4.54
CA ALA A 512 19.51 -8.44 5.73
C ALA A 512 18.51 -7.57 6.49
N THR A 513 17.74 -6.74 5.78
CA THR A 513 16.74 -5.84 6.43
C THR A 513 15.59 -6.66 6.90
N ILE A 514 15.20 -7.61 6.06
CA ILE A 514 14.12 -8.52 6.43
C ILE A 514 14.49 -9.32 7.71
N ASP A 515 15.70 -9.86 7.76
CA ASP A 515 16.14 -10.66 8.92
C ASP A 515 16.19 -9.79 10.19
N LEU A 516 16.72 -8.57 10.07
CA LEU A 516 16.78 -7.62 11.16
C LEU A 516 15.40 -7.41 11.76
N ILE A 517 14.39 -7.27 10.91
CA ILE A 517 13.07 -7.02 11.43
C ILE A 517 12.36 -8.29 11.96
N ASP A 518 12.47 -9.37 11.21
N ASP A 518 12.40 -9.37 11.20
CA ASP A 518 11.68 -10.56 11.44
CA ASP A 518 11.64 -10.54 11.57
C ASP A 518 12.50 -11.86 11.71
C ASP A 518 12.47 -11.83 11.90
N GLY A 519 13.80 -11.73 11.97
CA GLY A 519 14.61 -12.89 12.30
C GLY A 519 14.07 -13.61 13.53
N ARG A 520 14.21 -14.93 13.55
CA ARG A 520 13.92 -15.67 14.82
C ARG A 520 15.22 -16.13 15.54
N GLN A 521 16.28 -16.52 14.81
CA GLN A 521 17.56 -16.82 15.52
C GLN A 521 18.77 -16.40 14.70
N PRO A 522 19.49 -15.33 15.10
CA PRO A 522 19.30 -14.40 16.24
C PRO A 522 17.90 -13.69 16.12
N PRO A 523 17.23 -13.42 17.25
CA PRO A 523 15.91 -12.77 17.21
C PRO A 523 16.02 -11.37 16.52
N GLY A 524 15.04 -11.02 15.68
CA GLY A 524 15.01 -9.69 15.05
C GLY A 524 14.21 -8.73 15.91
N ILE A 525 13.95 -7.51 15.41
CA ILE A 525 13.20 -6.51 16.15
C ILE A 525 11.81 -6.98 16.70
N LEU A 526 11.05 -7.66 15.83
CA LEU A 526 9.68 -8.07 16.19
C LEU A 526 9.65 -9.15 17.26
N ALA A 527 10.63 -10.06 17.22
CA ALA A 527 10.83 -11.11 18.20
C ALA A 527 11.23 -10.50 19.57
N LEU A 528 12.12 -9.52 19.56
CA LEU A 528 12.50 -8.85 20.80
C LEU A 528 11.37 -8.03 21.41
N LEU A 529 10.56 -7.40 20.54
CA LEU A 529 9.35 -6.72 20.93
C LEU A 529 8.39 -7.67 21.62
N ASP A 530 8.22 -8.85 21.00
CA ASP A 530 7.35 -9.90 21.63
C ASP A 530 7.85 -10.30 23.06
N GLU A 531 9.12 -10.58 23.18
CA GLU A 531 9.76 -10.94 24.47
C GLU A 531 9.49 -9.89 25.54
N GLN A 532 9.74 -8.63 25.21
CA GLN A 532 9.50 -7.50 26.10
C GLN A 532 8.04 -7.38 26.43
N SER A 533 7.19 -7.77 25.50
CA SER A 533 5.73 -7.64 25.61
C SER A 533 5.10 -8.54 26.67
N VAL A 534 5.74 -9.65 26.99
CA VAL A 534 5.25 -10.55 28.01
C VAL A 534 6.10 -10.45 29.26
N PHE A 535 7.10 -9.56 29.25
CA PHE A 535 7.97 -9.34 30.40
C PHE A 535 7.31 -8.30 31.32
N PRO A 536 6.92 -8.72 32.55
CA PRO A 536 6.09 -7.84 33.42
C PRO A 536 6.71 -6.48 33.80
N ASN A 537 8.03 -6.39 33.85
CA ASN A 537 8.66 -5.11 34.19
C ASN A 537 9.12 -4.23 32.99
N ALA A 538 8.80 -4.65 31.76
CA ALA A 538 9.30 -4.02 30.52
C ALA A 538 8.76 -2.60 30.37
N THR A 539 9.58 -1.67 29.88
CA THR A 539 9.07 -0.35 29.55
C THR A 539 9.60 -0.03 28.14
N ASP A 540 9.06 1.03 27.54
CA ASP A 540 9.49 1.46 26.22
C ASP A 540 11.02 1.74 26.24
N ASN A 541 11.56 2.15 27.41
CA ASN A 541 13.04 2.30 27.64
C ASN A 541 13.81 0.98 27.78
N THR A 542 13.20 -0.03 28.38
CA THR A 542 13.98 -1.30 28.43
C THR A 542 13.93 -1.92 27.03
N LEU A 543 12.85 -1.63 26.31
CA LEU A 543 12.69 -2.12 24.93
C LEU A 543 13.78 -1.56 23.99
N ILE A 544 13.92 -0.24 23.96
CA ILE A 544 14.93 0.38 23.09
C ILE A 544 16.34 -0.06 23.45
N THR A 545 16.61 -0.12 24.75
CA THR A 545 17.87 -0.65 25.29
C THR A 545 18.18 -2.06 24.77
N LYS A 546 17.20 -2.93 24.84
CA LYS A 546 17.26 -4.32 24.34
C LYS A 546 17.51 -4.33 22.86
N LEU A 547 16.76 -3.49 22.12
CA LEU A 547 17.07 -3.38 20.67
C LEU A 547 18.52 -2.92 20.42
N HIS A 548 18.96 -1.81 21.01
CA HIS A 548 20.36 -1.35 20.79
C HIS A 548 21.40 -2.41 21.21
N SER A 549 21.09 -3.12 22.27
CA SER A 549 21.98 -4.15 22.80
C SER A 549 22.21 -5.24 21.77
N HIS A 550 21.14 -5.70 21.11
CA HIS A 550 21.26 -6.68 20.06
C HIS A 550 21.81 -6.24 18.72
N PHE A 551 21.65 -4.95 18.34
CA PHE A 551 21.88 -4.59 16.93
C PHE A 551 22.81 -3.45 16.75
N SER A 552 22.94 -2.63 17.76
CA SER A 552 23.75 -1.42 17.65
C SER A 552 25.22 -1.81 17.40
N LYS A 553 25.84 -1.20 16.40
CA LYS A 553 27.19 -1.61 15.91
C LYS A 553 27.34 -3.11 15.58
N LYS A 554 26.24 -3.80 15.29
CA LYS A 554 26.31 -5.20 14.99
C LYS A 554 25.55 -5.52 13.69
N ASN A 555 24.33 -5.00 13.52
CA ASN A 555 23.63 -5.19 12.26
C ASN A 555 23.85 -3.97 11.35
N ALA A 556 24.31 -4.25 10.13
CA ALA A 556 24.61 -3.25 9.09
C ALA A 556 23.40 -2.39 8.64
N LYS A 557 22.19 -2.89 8.83
CA LYS A 557 20.96 -2.19 8.51
C LYS A 557 20.30 -1.47 9.71
N TYR A 558 20.96 -1.49 10.87
CA TYR A 558 20.40 -0.94 12.12
C TYR A 558 21.27 0.24 12.52
N GLU A 559 20.64 1.31 12.99
CA GLU A 559 21.37 2.38 13.57
C GLU A 559 20.80 2.84 14.93
N GLU A 560 21.65 2.92 15.94
CA GLU A 560 21.33 3.60 17.18
C GLU A 560 21.72 5.09 16.95
N PRO A 561 20.72 5.99 16.91
CA PRO A 561 20.99 7.42 16.69
C PRO A 561 21.72 8.06 17.89
N ARG A 562 22.55 9.06 17.64
CA ARG A 562 23.20 9.76 18.74
C ARG A 562 22.35 10.94 19.25
N PHE A 563 21.37 11.38 18.45
CA PHE A 563 20.58 12.58 18.70
C PHE A 563 19.31 12.20 19.48
N SER A 564 19.13 10.93 19.82
CA SER A 564 17.88 10.50 20.45
C SER A 564 18.14 9.22 21.21
N LYS A 565 17.51 9.11 22.38
CA LYS A 565 17.50 7.89 23.20
C LYS A 565 16.22 7.01 23.02
N THR A 566 15.26 7.46 22.22
CA THR A 566 14.01 6.73 22.02
C THR A 566 13.74 6.29 20.55
N GLU A 567 14.75 6.36 19.67
CA GLU A 567 14.66 6.02 18.24
C GLU A 567 15.68 5.00 17.80
N PHE A 568 15.32 4.23 16.79
CA PHE A 568 16.26 3.40 16.13
C PHE A 568 16.06 3.53 14.64
N GLY A 569 17.13 3.39 13.85
CA GLY A 569 16.94 3.50 12.39
C GLY A 569 16.98 2.15 11.73
N VAL A 570 16.13 1.96 10.71
CA VAL A 570 16.25 0.74 9.85
C VAL A 570 16.54 1.19 8.43
N THR A 571 17.55 0.60 7.80
CA THR A 571 17.88 0.92 6.40
C THR A 571 17.05 -0.04 5.54
N HIS A 572 15.96 0.50 4.95
CA HIS A 572 15.07 -0.26 4.06
C HIS A 572 15.56 -0.11 2.66
N TYR A 573 15.02 -0.92 1.75
CA TYR A 573 15.34 -0.81 0.29
C TYR A 573 15.09 0.63 -0.21
N ALA A 574 13.99 1.23 0.24
CA ALA A 574 13.57 2.60 -0.12
C ALA A 574 14.18 3.73 0.75
N GLY A 575 15.05 3.40 1.72
CA GLY A 575 15.78 4.35 2.51
C GLY A 575 15.67 4.12 4.03
N GLN A 576 16.45 4.87 4.79
CA GLN A 576 16.48 4.77 6.22
C GLN A 576 15.24 5.38 6.80
N VAL A 577 14.65 4.71 7.76
CA VAL A 577 13.56 5.27 8.54
C VAL A 577 13.97 5.22 10.03
N MET A 578 13.78 6.34 10.75
CA MET A 578 13.92 6.38 12.23
C MET A 578 12.56 6.16 12.84
N TYR A 579 12.51 5.14 13.71
CA TYR A 579 11.29 4.73 14.44
C TYR A 579 11.38 5.14 15.90
N GLU A 580 10.32 5.82 16.35
CA GLU A 580 10.09 6.27 17.75
C GLU A 580 9.41 5.09 18.48
N ILE A 581 9.98 4.70 19.64
CA ILE A 581 9.60 3.46 20.41
C ILE A 581 8.40 3.72 21.34
N GLN A 582 8.05 5.00 21.50
CA GLN A 582 6.96 5.36 22.40
C GLN A 582 5.69 4.57 22.11
N ASP A 583 5.16 3.92 23.17
CA ASP A 583 3.94 3.13 23.12
C ASP A 583 4.06 1.82 22.39
N TRP A 584 5.24 1.34 22.01
CA TRP A 584 5.30 0.09 21.26
C TRP A 584 4.78 -1.15 22.07
N LEU A 585 5.07 -1.19 23.36
CA LEU A 585 4.63 -2.36 24.17
C LEU A 585 3.14 -2.37 24.23
N GLU A 586 2.55 -1.22 24.43
CA GLU A 586 1.09 -1.15 24.48
C GLU A 586 0.42 -1.39 23.17
N LYS A 587 0.95 -0.89 22.05
CA LYS A 587 0.41 -1.21 20.71
C LYS A 587 0.52 -2.67 20.41
N ASN A 588 1.63 -3.31 20.78
CA ASN A 588 1.81 -4.70 20.47
C ASN A 588 0.90 -5.64 21.30
N LYS A 589 0.73 -5.32 22.58
CA LYS A 589 -0.21 -6.06 23.44
C LYS A 589 -1.67 -5.75 23.09
N ASP A 590 -1.93 -4.54 22.61
CA ASP A 590 -3.29 -4.21 22.19
C ASP A 590 -4.40 -4.55 23.26
N PRO A 591 -4.23 -4.05 24.51
CA PRO A 591 -5.17 -4.46 25.56
C PRO A 591 -6.56 -3.81 25.47
N LEU A 592 -7.57 -4.49 25.96
CA LEU A 592 -8.87 -3.90 26.23
C LEU A 592 -9.44 -4.51 27.55
N GLN A 593 -9.84 -3.67 28.51
CA GLN A 593 -10.51 -4.16 29.74
C GLN A 593 -11.69 -5.05 29.43
N GLN A 594 -11.67 -6.25 30.00
CA GLN A 594 -12.80 -7.18 29.94
CA GLN A 594 -12.81 -7.14 29.83
C GLN A 594 -14.11 -6.52 30.35
N ASP A 595 -14.08 -5.65 31.37
CA ASP A 595 -15.31 -4.94 31.79
C ASP A 595 -15.95 -4.04 30.72
N LEU A 596 -15.13 -3.61 29.74
CA LEU A 596 -15.63 -2.86 28.54
C LEU A 596 -16.27 -3.80 27.60
N GLU A 597 -15.63 -4.92 27.34
CA GLU A 597 -16.28 -5.95 26.56
C GLU A 597 -17.60 -6.46 27.15
N LEU A 598 -17.66 -6.60 28.50
CA LEU A 598 -18.89 -7.06 29.14
C LEU A 598 -20.00 -6.01 28.93
N CYS A 599 -19.65 -4.74 29.12
CA CYS A 599 -20.61 -3.67 28.95
C CYS A 599 -21.23 -3.64 27.52
N PHE A 600 -20.41 -3.89 26.48
CA PHE A 600 -20.81 -3.79 25.07
C PHE A 600 -21.44 -5.11 24.53
N LYS A 601 -21.09 -6.23 25.14
CA LYS A 601 -21.86 -7.47 24.98
C LYS A 601 -23.35 -7.35 25.35
N ASP A 602 -23.70 -6.49 26.31
CA ASP A 602 -25.10 -6.25 26.64
C ASP A 602 -25.78 -5.11 25.85
N SER A 603 -25.25 -4.83 24.65
CA SER A 603 -25.78 -3.74 23.79
C SER A 603 -27.07 -4.20 23.18
N SER A 604 -28.07 -3.32 23.18
CA SER A 604 -29.38 -3.51 22.46
C SER A 604 -29.30 -3.35 20.94
N ASP A 605 -28.08 -3.05 20.43
CA ASP A 605 -27.86 -2.84 18.98
C ASP A 605 -27.30 -4.11 18.42
N ASN A 606 -27.87 -4.57 17.33
CA ASN A 606 -27.55 -5.88 16.84
C ASN A 606 -26.28 -5.94 16.06
N VAL A 607 -25.81 -4.78 15.57
CA VAL A 607 -24.49 -4.73 14.98
C VAL A 607 -23.43 -4.72 16.08
N VAL A 608 -23.54 -3.80 17.04
CA VAL A 608 -22.66 -3.68 18.23
C VAL A 608 -22.47 -5.03 18.95
N THR A 609 -23.58 -5.76 19.03
CA THR A 609 -23.63 -7.04 19.67
C THR A 609 -22.80 -8.10 18.94
N LYS A 610 -22.82 -8.09 17.60
CA LYS A 610 -22.03 -9.01 16.80
C LYS A 610 -20.51 -8.68 16.95
N LEU A 611 -20.18 -7.40 17.06
CA LEU A 611 -18.77 -7.04 17.15
C LEU A 611 -18.16 -7.65 18.44
N PHE A 612 -18.96 -7.75 19.51
CA PHE A 612 -18.51 -8.20 20.83
C PHE A 612 -18.76 -9.71 21.17
N ASN A 613 -19.69 -10.34 20.46
CA ASN A 613 -20.05 -11.77 20.63
C ASN A 613 -19.65 -12.68 19.49
N ASP A 614 -19.55 -12.17 18.28
CA ASP A 614 -19.11 -13.02 17.19
C ASP A 614 -17.60 -13.29 17.33
N PRO A 615 -17.23 -14.55 17.67
CA PRO A 615 -15.86 -14.94 18.01
C PRO A 615 -14.89 -14.75 16.82
N ASN A 616 -15.44 -14.75 15.62
CA ASN A 616 -14.66 -14.51 14.42
C ASN A 616 -14.31 -13.03 14.23
N ILE A 617 -14.85 -12.16 15.09
CA ILE A 617 -14.57 -10.74 15.06
C ILE A 617 -14.01 -10.33 16.43
N ALA A 618 -14.63 -10.85 17.50
CA ALA A 618 -14.33 -10.48 18.88
C ALA A 618 -13.27 -11.33 19.58
N SER A 619 -13.09 -12.58 19.14
CA SER A 619 -12.21 -13.48 19.87
C SER A 619 -10.78 -13.17 19.52
N ARG A 620 -9.90 -13.35 20.48
CA ARG A 620 -8.51 -13.20 20.20
C ARG A 620 -7.73 -14.41 20.65
N ALA A 621 -6.90 -14.94 19.75
CA ALA A 621 -6.06 -16.12 19.99
C ALA A 621 -5.11 -15.95 21.21
N LYS A 622 -4.79 -17.05 21.91
CA LYS A 622 -3.74 -17.06 22.97
C LYS A 622 -2.44 -17.72 22.48
N LYS A 623 -1.31 -17.29 23.06
CA LYS A 623 0.00 -17.95 22.97
C LYS A 623 0.39 -18.27 24.41
N GLY A 624 0.06 -19.48 24.85
CA GLY A 624 0.23 -19.82 26.27
C GLY A 624 -0.65 -18.92 27.13
N ALA A 625 -0.02 -18.23 28.10
CA ALA A 625 -0.76 -17.43 29.08
C ALA A 625 -1.06 -15.98 28.63
N ASN A 626 -0.75 -15.69 27.36
CA ASN A 626 -0.94 -14.34 26.81
C ASN A 626 -1.80 -14.35 25.53
N PHE A 627 -2.61 -13.32 25.34
CA PHE A 627 -3.20 -13.04 24.01
C PHE A 627 -2.09 -12.87 22.95
N ILE A 628 -2.36 -13.33 21.73
CA ILE A 628 -1.45 -13.14 20.59
C ILE A 628 -1.09 -11.63 20.42
N THR A 629 0.19 -11.32 20.24
CA THR A 629 0.59 -9.92 20.04
C THR A 629 0.19 -9.47 18.62
N VAL A 630 0.13 -8.13 18.43
CA VAL A 630 -0.08 -7.57 17.11
C VAL A 630 1.06 -7.95 16.17
N ALA A 631 2.33 -7.89 16.60
CA ALA A 631 3.44 -8.35 15.74
C ALA A 631 3.24 -9.83 15.28
N ALA A 632 2.77 -10.68 16.19
CA ALA A 632 2.59 -12.12 15.85
C ALA A 632 1.44 -12.31 14.88
N GLN A 633 0.34 -11.63 15.10
CA GLN A 633 -0.72 -11.61 14.09
C GLN A 633 -0.26 -11.10 12.74
N TYR A 634 0.41 -9.94 12.69
CA TYR A 634 0.90 -9.37 11.44
C TYR A 634 1.78 -10.40 10.74
N LYS A 635 2.76 -10.95 11.46
CA LYS A 635 3.58 -12.03 10.92
C LYS A 635 2.78 -13.22 10.29
N GLU A 636 1.76 -13.71 10.99
CA GLU A 636 0.84 -14.71 10.46
C GLU A 636 0.16 -14.27 9.15
N GLN A 637 -0.47 -13.10 9.13
CA GLN A 637 -1.12 -12.61 7.92
C GLN A 637 -0.10 -12.53 6.78
N LEU A 638 1.09 -12.06 7.08
CA LEU A 638 2.02 -11.85 6.04
C LEU A 638 2.51 -13.20 5.45
N ALA A 639 2.77 -14.17 6.31
CA ALA A 639 3.23 -15.47 5.83
C ALA A 639 2.13 -16.18 5.03
N SER A 640 0.92 -16.08 5.48
CA SER A 640 -0.23 -16.56 4.74
C SER A 640 -0.40 -15.85 3.32
N LEU A 641 -0.30 -14.51 3.30
CA LEU A 641 -0.22 -13.75 2.05
C LEU A 641 0.87 -14.30 1.13
N MET A 642 2.09 -14.36 1.62
CA MET A 642 3.24 -14.80 0.82
C MET A 642 3.10 -16.22 0.25
N ALA A 643 2.56 -17.13 1.08
CA ALA A 643 2.30 -18.50 0.60
C ALA A 643 1.23 -18.55 -0.51
N THR A 644 0.18 -17.73 -0.41
CA THR A 644 -0.77 -17.57 -1.49
C THR A 644 -0.12 -17.12 -2.82
N LEU A 645 0.74 -16.10 -2.75
CA LEU A 645 1.45 -15.61 -3.90
C LEU A 645 2.34 -16.67 -4.55
N GLU A 646 3.06 -17.41 -3.72
CA GLU A 646 3.86 -18.49 -4.25
C GLU A 646 3.01 -19.52 -5.05
N THR A 647 1.75 -19.69 -4.75
CA THR A 647 0.89 -20.50 -5.59
C THR A 647 0.41 -19.82 -6.92
N THR A 648 0.80 -18.56 -7.16
CA THR A 648 0.38 -17.86 -8.37
C THR A 648 1.53 -17.55 -9.31
N ASN A 649 1.15 -17.28 -10.55
CA ASN A 649 2.02 -16.65 -11.54
C ASN A 649 1.85 -15.12 -11.36
N PRO A 650 2.91 -14.44 -10.87
CA PRO A 650 2.90 -13.00 -10.59
C PRO A 650 3.09 -12.10 -11.85
N HIS A 651 2.35 -11.00 -11.89
CA HIS A 651 2.57 -9.91 -12.82
C HIS A 651 2.79 -8.62 -11.97
N PHE A 652 3.83 -7.87 -12.32
CA PHE A 652 4.31 -6.72 -11.52
C PHE A 652 4.01 -5.43 -12.20
N VAL A 653 3.39 -4.52 -11.46
CA VAL A 653 3.21 -3.17 -11.88
C VAL A 653 3.93 -2.31 -10.84
N ARG A 654 4.92 -1.56 -11.30
CA ARG A 654 5.68 -0.64 -10.46
C ARG A 654 5.07 0.77 -10.57
N CYS A 655 4.27 1.19 -9.60
CA CYS A 655 3.81 2.55 -9.61
C CYS A 655 4.86 3.47 -9.04
N ILE A 656 4.87 4.68 -9.60
CA ILE A 656 5.97 5.62 -9.41
C ILE A 656 5.36 6.96 -9.21
N ILE A 657 5.68 7.59 -8.10
CA ILE A 657 5.23 8.90 -7.79
C ILE A 657 6.20 9.96 -8.45
N PRO A 658 5.63 10.98 -9.14
CA PRO A 658 6.43 12.05 -9.83
C PRO A 658 7.14 13.05 -8.90
N ASN A 659 6.55 13.28 -7.72
CA ASN A 659 7.04 14.31 -6.80
C ASN A 659 6.37 14.05 -5.47
N ASN A 660 6.72 14.84 -4.46
N ASN A 660 6.69 14.90 -4.48
CA ASN A 660 6.12 14.64 -3.16
CA ASN A 660 6.20 14.78 -3.10
C ASN A 660 5.20 15.83 -2.81
C ASN A 660 5.12 15.82 -2.79
N LYS A 661 4.49 16.36 -3.84
CA LYS A 661 3.56 17.47 -3.68
C LYS A 661 2.16 17.15 -4.24
N GLN A 662 1.95 15.91 -4.70
CA GLN A 662 0.61 15.55 -5.27
C GLN A 662 0.15 16.48 -6.41
N LEU A 663 1.12 16.92 -7.20
CA LEU A 663 0.92 17.82 -8.34
C LEU A 663 1.09 17.16 -9.74
N PRO A 664 0.23 17.54 -10.71
CA PRO A 664 0.37 17.06 -12.11
C PRO A 664 1.51 17.82 -12.79
N ALA A 665 2.11 17.28 -13.86
CA ALA A 665 3.06 18.06 -14.73
C ALA A 665 4.30 18.55 -14.00
N LYS A 666 4.85 17.69 -13.16
CA LYS A 666 5.90 18.09 -12.30
C LYS A 666 6.73 16.90 -11.85
N LEU A 667 7.51 16.37 -12.79
CA LEU A 667 8.44 15.30 -12.52
C LEU A 667 9.60 15.85 -11.76
N GLU A 668 9.87 15.26 -10.61
CA GLU A 668 11.06 15.63 -9.84
C GLU A 668 12.09 14.50 -10.00
N ASP A 669 13.26 14.92 -10.46
CA ASP A 669 14.37 14.08 -10.91
C ASP A 669 14.78 13.11 -9.84
N LYS A 670 15.10 13.63 -8.66
CA LYS A 670 15.68 12.83 -7.59
C LYS A 670 14.63 11.85 -7.03
N VAL A 671 13.41 12.36 -6.82
CA VAL A 671 12.23 11.54 -6.42
C VAL A 671 12.03 10.29 -7.32
N VAL A 672 12.06 10.51 -8.63
CA VAL A 672 11.70 9.48 -9.58
C VAL A 672 12.88 8.50 -9.66
N LEU A 673 14.11 9.01 -9.71
CA LEU A 673 15.27 8.14 -9.86
C LEU A 673 15.55 7.27 -8.64
N ASP A 674 15.30 7.81 -7.44
CA ASP A 674 15.40 6.99 -6.22
C ASP A 674 14.44 5.80 -6.32
N GLN A 675 13.23 6.03 -6.81
CA GLN A 675 12.28 4.91 -7.05
C GLN A 675 12.76 3.90 -8.07
N LEU A 676 13.30 4.38 -9.20
CA LEU A 676 13.80 3.51 -10.25
C LEU A 676 14.94 2.68 -9.73
N ARG A 677 15.83 3.28 -8.90
CA ARG A 677 16.93 2.53 -8.34
C ARG A 677 16.41 1.49 -7.36
N CYS A 678 15.61 1.89 -6.36
CA CYS A 678 15.32 0.91 -5.25
C CYS A 678 14.31 -0.16 -5.71
N ASN A 679 13.48 0.22 -6.70
CA ASN A 679 12.61 -0.76 -7.36
C ASN A 679 13.40 -1.83 -8.16
N GLY A 680 14.65 -1.56 -8.51
CA GLY A 680 15.41 -2.41 -9.43
C GLY A 680 14.86 -2.47 -10.87
N VAL A 681 14.37 -1.33 -11.36
CA VAL A 681 13.82 -1.24 -12.72
C VAL A 681 14.89 -1.50 -13.83
N LEU A 682 16.06 -0.88 -13.74
CA LEU A 682 17.15 -1.09 -14.70
C LEU A 682 17.73 -2.49 -14.66
N GLU A 683 17.96 -3.02 -13.45
CA GLU A 683 18.32 -4.44 -13.24
C GLU A 683 17.29 -5.38 -13.87
N GLY A 684 16.02 -5.02 -13.73
CA GLY A 684 14.89 -5.76 -14.30
C GLY A 684 14.89 -5.71 -15.82
N ILE A 685 15.24 -4.55 -16.38
CA ILE A 685 15.44 -4.47 -17.84
C ILE A 685 16.67 -5.32 -18.29
N ARG A 686 17.78 -5.25 -17.57
CA ARG A 686 18.96 -6.07 -17.93
C ARG A 686 18.76 -7.59 -17.84
N ILE A 687 18.03 -8.09 -16.85
CA ILE A 687 17.82 -9.55 -16.89
C ILE A 687 16.96 -9.94 -18.10
N THR A 688 16.03 -9.08 -18.49
CA THR A 688 15.21 -9.30 -19.66
C THR A 688 16.10 -9.42 -20.91
N ARG A 689 16.99 -8.45 -21.11
CA ARG A 689 17.91 -8.40 -22.24
C ARG A 689 18.99 -9.49 -22.25
N LYS A 690 19.70 -9.64 -21.13
CA LYS A 690 20.84 -10.55 -21.06
C LYS A 690 20.46 -12.02 -20.98
N GLY A 691 19.22 -12.29 -20.56
CA GLY A 691 18.80 -13.66 -20.21
C GLY A 691 17.95 -14.42 -21.22
N PHE A 692 17.28 -15.47 -20.74
CA PHE A 692 16.53 -16.42 -21.58
C PHE A 692 15.13 -16.63 -21.03
N PRO A 693 14.23 -15.67 -21.32
CA PRO A 693 12.81 -15.70 -20.92
C PRO A 693 12.10 -17.06 -20.98
N ASN A 694 12.19 -17.78 -22.09
CA ASN A 694 11.33 -18.98 -22.31
C ASN A 694 12.03 -20.32 -22.47
N ARG A 695 11.38 -21.36 -21.95
CA ARG A 695 11.92 -22.73 -21.95
C ARG A 695 10.81 -23.77 -21.91
N ILE A 696 10.96 -24.79 -22.77
CA ILE A 696 9.98 -25.89 -22.89
C ILE A 696 10.71 -27.23 -22.76
N ILE A 697 10.15 -28.13 -21.93
CA ILE A 697 10.67 -29.49 -21.85
C ILE A 697 10.66 -30.03 -23.30
N TYR A 698 11.78 -30.61 -23.75
CA TYR A 698 11.89 -31.11 -25.15
C TYR A 698 10.79 -32.16 -25.45
N PHE A 701 8.10 -29.84 -26.26
CA PHE A 701 8.51 -29.11 -27.46
C PHE A 701 8.14 -29.92 -28.70
N VAL A 702 8.55 -31.19 -28.73
CA VAL A 702 8.26 -32.11 -29.87
C VAL A 702 6.80 -32.60 -29.87
N GLN A 736 21.86 -16.49 -29.33
CA GLN A 736 20.49 -15.95 -29.42
C GLN A 736 19.43 -17.06 -29.31
N TYR A 737 19.74 -18.07 -28.49
CA TYR A 737 18.86 -19.23 -28.17
C TYR A 737 19.80 -20.28 -27.58
N ARG A 738 19.33 -21.23 -26.76
CA ARG A 738 20.22 -22.26 -26.10
C ARG A 738 19.59 -23.59 -25.60
N PHE A 739 20.43 -24.62 -25.45
CA PHE A 739 19.99 -26.01 -25.16
C PHE A 739 20.38 -26.47 -23.76
N GLY A 740 19.39 -26.73 -22.92
CA GLY A 740 19.62 -27.12 -21.53
C GLY A 740 19.42 -28.60 -21.25
N ILE A 741 19.70 -29.00 -20.01
CA ILE A 741 19.67 -30.41 -19.62
C ILE A 741 18.33 -31.11 -19.93
N THR A 742 17.23 -30.35 -19.95
CA THR A 742 15.86 -30.89 -20.18
C THR A 742 14.96 -29.94 -20.99
N LYS A 743 15.52 -28.79 -21.38
CA LYS A 743 14.74 -27.71 -21.99
C LYS A 743 15.52 -26.97 -23.05
N ILE A 744 14.84 -26.57 -24.13
CA ILE A 744 15.34 -25.52 -25.01
C ILE A 744 14.97 -24.19 -24.36
N PHE A 745 15.94 -23.27 -24.27
CA PHE A 745 15.78 -21.90 -23.73
C PHE A 745 15.95 -20.87 -24.87
N PHE A 746 14.98 -19.99 -25.12
CA PHE A 746 15.12 -18.96 -26.19
C PHE A 746 15.24 -17.47 -25.75
N ARG A 747 14.55 -16.56 -26.46
CA ARG A 747 14.59 -15.10 -26.19
C ARG A 747 13.35 -14.41 -26.79
MG MG B . -3.87 2.99 -1.60
V VO4 C . -1.09 4.54 -0.08
O1 VO4 C . -2.70 3.94 -0.20
O2 VO4 C . -0.98 6.20 0.49
O3 VO4 C . 0.34 3.60 -0.32
O4 VO4 C . -1.12 3.94 1.90
MG MG D . 13.07 13.01 15.42
PB ADP E . -1.46 4.62 -3.37
O1B ADP E . -2.56 3.58 -3.26
O2B ADP E . -0.28 4.15 -4.09
O3B ADP E . -1.07 5.29 -2.08
PA ADP E . -3.50 6.14 -4.93
O1A ADP E . -3.76 5.02 -5.91
O2A ADP E . -4.53 6.45 -3.90
O3A ADP E . -2.16 5.92 -4.08
O5' ADP E . -3.25 7.53 -5.69
C5' ADP E . -2.98 8.75 -5.01
C4' ADP E . -3.80 9.83 -5.76
O4' ADP E . -3.13 10.06 -7.00
C3' ADP E . -5.23 9.41 -6.16
O3' ADP E . -6.26 9.67 -5.23
C2' ADP E . -5.47 10.21 -7.44
O2' ADP E . -5.63 11.59 -7.08
C1' ADP E . -4.11 10.17 -8.08
N9 ADP E . -3.91 9.09 -9.08
C8 ADP E . -3.14 7.99 -8.96
N7 ADP E . -3.15 7.24 -10.11
C5 ADP E . -3.98 7.91 -10.95
C6 ADP E . -4.40 7.72 -12.34
N6 ADP E . -3.98 6.63 -13.06
N1 ADP E . -5.24 8.67 -12.84
C2 ADP E . -5.69 9.74 -12.19
N3 ADP E . -5.29 10.03 -10.95
C4 ADP E . -4.45 9.13 -10.30
C1 EDO F . -29.12 2.02 20.15
O1 EDO F . -29.76 3.15 19.57
C2 EDO F . -29.87 0.77 19.69
O2 EDO F . -29.68 0.62 18.27
C5 BL6 G . -0.46 -4.84 5.50
C4 BL6 G . -0.85 -3.41 5.29
C3 BL6 G . -1.57 -2.79 6.48
C2 BL6 G . -1.59 -1.25 6.53
C1 BL6 G . -1.67 -1.01 8.08
C6 BL6 G . -0.35 -5.71 4.38
C8 BL6 G . 0.22 -7.49 5.94
C10 BL6 G . -0.25 -5.30 6.85
C11 BL6 G . -0.72 -3.14 7.70
C12 BL6 G . -0.71 -2.27 10.07
C13 BL6 G . 0.11 -3.27 10.65
C14 BL6 G . 0.28 -3.27 12.05
C17 BL6 G . -1.35 -1.31 10.92
O2 BL6 G . -0.66 -2.81 4.22
O1 BL6 G . -2.94 -3.38 6.63
N1 BL6 G . -0.89 -2.15 8.67
C16 BL6 G . -1.18 -1.35 12.32
C15 BL6 G . -0.34 -2.31 12.89
N2 BL6 G . -0.38 -4.44 7.92
C9 BL6 G . 0.10 -6.64 7.06
C18 BL6 G . 0.56 -8.92 6.20
C7 BL6 G . -0.01 -7.05 4.61
#